data_3VGO
#
_entry.id   3VGO
#
_cell.length_a   98.876
_cell.length_b   98.876
_cell.length_c   105.182
_cell.angle_alpha   90.00
_cell.angle_beta   90.00
_cell.angle_gamma   120.00
#
_symmetry.space_group_name_H-M   'P 31'
#
_entity_poly.entity_id   1
_entity_poly.type   'polypeptide(L)'
_entity_poly.pdbx_seq_one_letter_code
;GPHMGSAAADRRTVEKTWKLMDKVVRLCQNPKLQLKNSPPYILDILPDTYQHLRLILSKYDDNQKLAQLSENEYFKIYID
SLMKKSKRAIRLFKEGKERMYEEQSQDRRNLTKLSLIFSHMLAEIKAIFPNGQFQGDNFRITKADAAEFWRKFFGDKTIV
PWKVFRQCLHEVHQISSGLEAMALKSTIDLTCNDYISVFEFDIFTRLFQPWGSILRNWNFLAVTHPGYMAFLTYDEVKAR
LQKYSTKPGSYIFRLSCTRLGQWAIGYVTGDGNILQTIPHNKPLFQALIDGSREGFYLYPDGRSYNPDLTGLCEPTPHDH
IKVTQEQYELYCEMGSTFQLCKICAENDKDVKIEPCGHLMCTSCLTAWQESDGQGCPFCRCEIKGTEPIIVDPF
;
_entity_poly.pdbx_strand_id   A,B,C
#
# COMPACT_ATOMS: atom_id res chain seq x y z
N ARG A 11 -7.65 19.14 -19.34
CA ARG A 11 -8.75 18.14 -19.45
C ARG A 11 -8.63 17.27 -20.71
N ARG A 12 -7.95 17.81 -21.73
CA ARG A 12 -7.75 17.09 -23.00
C ARG A 12 -7.27 15.65 -22.77
N THR A 13 -6.16 15.51 -22.03
CA THR A 13 -5.62 14.20 -21.74
C THR A 13 -6.48 13.41 -20.75
N VAL A 14 -7.13 14.09 -19.80
CA VAL A 14 -7.98 13.37 -18.84
C VAL A 14 -9.27 12.85 -19.47
N GLU A 15 -9.67 13.43 -20.62
CA GLU A 15 -10.87 12.93 -21.31
C GLU A 15 -10.29 11.63 -21.87
N LYS A 16 -9.01 11.67 -22.20
CA LYS A 16 -8.32 10.50 -22.71
C LYS A 16 -7.98 9.59 -21.53
N THR A 17 -7.96 10.13 -20.30
CA THR A 17 -7.66 9.34 -19.09
C THR A 17 -8.80 8.52 -18.55
N TRP A 18 -9.99 9.12 -18.59
CA TRP A 18 -11.26 8.52 -18.15
C TRP A 18 -11.66 7.45 -19.15
N LYS A 19 -11.57 7.86 -20.42
CA LYS A 19 -11.90 7.05 -21.57
C LYS A 19 -11.17 5.72 -21.44
N LEU A 20 -9.90 5.76 -21.05
CA LEU A 20 -9.10 4.54 -20.88
C LEU A 20 -9.61 3.73 -19.71
N MET A 21 -9.89 4.42 -18.61
CA MET A 21 -10.41 3.82 -17.39
C MET A 21 -11.75 3.10 -17.59
N ASP A 22 -12.57 3.60 -18.51
CA ASP A 22 -13.89 3.00 -18.82
C ASP A 22 -13.70 1.66 -19.58
N LYS A 23 -12.68 1.61 -20.45
CA LYS A 23 -12.35 0.40 -21.23
C LYS A 23 -12.05 -0.72 -20.23
N VAL A 24 -11.27 -0.35 -19.23
CA VAL A 24 -10.85 -1.25 -18.16
C VAL A 24 -12.02 -1.74 -17.28
N VAL A 25 -12.86 -0.84 -16.77
CA VAL A 25 -14.01 -1.28 -15.96
C VAL A 25 -14.90 -2.08 -16.89
N ARG A 26 -14.78 -1.77 -18.18
CA ARG A 26 -15.52 -2.44 -19.25
C ARG A 26 -14.98 -3.88 -19.34
N LEU A 27 -13.65 -4.01 -19.30
CA LEU A 27 -12.98 -5.31 -19.38
C LEU A 27 -13.15 -6.18 -18.15
N CYS A 28 -13.13 -5.56 -16.98
CA CYS A 28 -13.29 -6.31 -15.75
C CYS A 28 -14.72 -6.86 -15.57
N GLN A 29 -15.73 -6.05 -15.86
CA GLN A 29 -17.12 -6.50 -15.70
C GLN A 29 -17.47 -7.80 -16.41
N ASN A 30 -16.55 -8.35 -17.22
CA ASN A 30 -16.79 -9.62 -17.94
C ASN A 30 -17.15 -10.72 -16.93
N PRO A 31 -18.25 -11.46 -17.16
CA PRO A 31 -18.68 -12.52 -16.24
C PRO A 31 -17.66 -13.66 -16.03
N LYS A 32 -16.93 -13.99 -17.10
CA LYS A 32 -15.92 -15.04 -17.08
C LYS A 32 -14.80 -14.74 -16.06
N LEU A 33 -14.79 -13.51 -15.56
CA LEU A 33 -13.80 -13.07 -14.58
C LEU A 33 -14.12 -13.38 -13.12
N GLN A 34 -15.40 -13.60 -12.88
CA GLN A 34 -15.88 -13.88 -11.53
C GLN A 34 -15.09 -13.07 -10.50
N LEU A 35 -14.96 -11.77 -10.70
CA LEU A 35 -14.20 -10.99 -9.73
C LEU A 35 -14.90 -11.16 -8.37
N LYS A 36 -14.19 -11.68 -7.37
CA LYS A 36 -14.75 -11.72 -6.01
C LYS A 36 -14.29 -10.37 -5.43
N ASN A 37 -15.02 -9.28 -5.71
CA ASN A 37 -14.66 -7.89 -5.25
C ASN A 37 -14.57 -7.97 -3.73
N SER A 38 -13.37 -8.07 -3.19
CA SER A 38 -13.09 -8.10 -1.78
C SER A 38 -11.98 -7.10 -1.97
N PRO A 39 -11.83 -6.15 -1.02
CA PRO A 39 -10.81 -5.11 -1.08
C PRO A 39 -9.52 -5.60 -1.76
N PRO A 40 -9.07 -4.90 -2.84
CA PRO A 40 -9.82 -3.73 -3.34
C PRO A 40 -10.82 -4.11 -4.44
N TYR A 41 -11.85 -3.27 -4.63
CA TYR A 41 -12.89 -3.48 -5.64
C TYR A 41 -12.53 -2.69 -6.87
N ILE A 42 -11.81 -3.31 -7.79
CA ILE A 42 -11.42 -2.62 -9.00
C ILE A 42 -12.68 -1.96 -9.60
N LEU A 43 -13.84 -2.57 -9.31
CA LEU A 43 -15.11 -2.07 -9.81
C LEU A 43 -15.69 -0.85 -9.10
N ASP A 44 -14.92 -0.27 -8.18
CA ASP A 44 -15.39 0.90 -7.44
C ASP A 44 -14.28 1.93 -7.35
N ILE A 45 -13.11 1.48 -6.95
CA ILE A 45 -12.00 2.40 -6.85
C ILE A 45 -11.90 3.24 -8.13
N LEU A 46 -11.92 2.57 -9.27
CA LEU A 46 -11.82 3.24 -10.57
C LEU A 46 -12.89 4.27 -10.83
N PRO A 47 -14.13 3.91 -10.53
CA PRO A 47 -15.25 4.83 -10.74
C PRO A 47 -15.12 6.02 -9.80
N ASP A 48 -14.81 5.72 -8.54
CA ASP A 48 -14.65 6.76 -7.53
C ASP A 48 -13.51 7.68 -7.88
N THR A 49 -12.49 7.11 -8.49
CA THR A 49 -11.35 7.92 -8.88
C THR A 49 -11.79 9.01 -9.88
N TYR A 50 -12.72 8.66 -10.76
CA TYR A 50 -13.29 9.59 -11.77
C TYR A 50 -14.10 10.70 -11.11
N GLN A 51 -15.06 10.30 -10.27
CA GLN A 51 -15.92 11.22 -9.53
C GLN A 51 -15.10 12.33 -8.91
N HIS A 52 -13.98 11.95 -8.28
CA HIS A 52 -13.11 12.91 -7.64
C HIS A 52 -12.45 13.85 -8.67
N LEU A 53 -11.95 13.31 -9.79
CA LEU A 53 -11.34 14.15 -10.83
C LEU A 53 -12.30 15.21 -11.31
N ARG A 54 -13.58 14.91 -11.14
CA ARG A 54 -14.59 15.84 -11.50
C ARG A 54 -14.59 16.84 -10.37
N LEU A 55 -14.54 16.37 -9.12
CA LEU A 55 -14.49 17.28 -7.98
C LEU A 55 -13.30 18.21 -8.22
N ILE A 56 -12.10 17.62 -8.32
CA ILE A 56 -10.86 18.37 -8.58
C ILE A 56 -10.93 19.36 -9.76
N LEU A 57 -11.43 18.91 -10.92
CA LEU A 57 -11.55 19.76 -12.13
C LEU A 57 -12.66 20.79 -11.99
N SER A 58 -13.58 20.49 -11.09
CA SER A 58 -14.69 21.39 -10.84
C SER A 58 -14.03 22.65 -10.26
N LYS A 59 -13.45 22.47 -9.08
CA LYS A 59 -12.78 23.52 -8.36
C LYS A 59 -11.73 24.34 -9.07
N TYR A 60 -10.96 23.71 -9.95
CA TYR A 60 -9.95 24.46 -10.68
C TYR A 60 -10.76 25.09 -11.82
N ALA A 67 -5.51 26.85 -15.40
CA ALA A 67 -4.13 26.70 -15.77
C ALA A 67 -3.26 26.49 -14.53
N GLN A 68 -3.81 26.85 -13.36
CA GLN A 68 -3.11 26.70 -12.08
C GLN A 68 -3.08 25.23 -11.78
N LEU A 69 -4.15 24.56 -12.16
CA LEU A 69 -4.20 23.13 -11.97
C LEU A 69 -3.23 22.48 -12.99
N SER A 70 -3.09 23.15 -14.15
CA SER A 70 -2.28 22.68 -15.29
C SER A 70 -0.79 22.53 -14.99
N GLU A 71 -0.27 23.45 -14.20
CA GLU A 71 1.15 23.36 -13.90
C GLU A 71 1.45 22.48 -12.70
N ASN A 72 0.40 22.08 -11.98
CA ASN A 72 0.61 21.21 -10.83
C ASN A 72 1.41 20.09 -11.44
N GLU A 73 2.57 19.86 -10.86
CA GLU A 73 3.52 18.84 -11.26
C GLU A 73 3.11 17.45 -10.78
N TYR A 74 2.53 17.38 -9.59
CA TYR A 74 2.09 16.09 -9.10
C TYR A 74 0.89 15.67 -9.92
N PHE A 75 0.00 16.60 -10.24
CA PHE A 75 -1.18 16.26 -11.00
C PHE A 75 -0.75 15.60 -12.31
N LYS A 76 0.24 16.20 -12.96
CA LYS A 76 0.77 15.73 -14.23
C LYS A 76 1.39 14.34 -14.07
N ILE A 77 2.26 14.17 -13.08
CA ILE A 77 2.89 12.88 -12.82
C ILE A 77 1.83 11.83 -12.48
N TYR A 78 0.83 12.28 -11.72
CA TYR A 78 -0.30 11.47 -11.27
C TYR A 78 -1.23 10.95 -12.34
N ILE A 79 -1.70 11.86 -13.19
CA ILE A 79 -2.56 11.44 -14.28
C ILE A 79 -1.65 10.57 -15.19
N ASP A 80 -0.38 10.93 -15.33
CA ASP A 80 0.55 10.15 -16.14
C ASP A 80 0.60 8.71 -15.61
N SER A 81 0.60 8.60 -14.27
CA SER A 81 0.61 7.32 -13.53
C SER A 81 -0.66 6.53 -13.81
N LEU A 82 -1.77 7.24 -13.71
CA LEU A 82 -3.11 6.70 -13.92
C LEU A 82 -3.29 6.08 -15.29
N MET A 83 -2.99 6.83 -16.36
CA MET A 83 -3.09 6.39 -17.77
C MET A 83 -2.10 5.28 -18.09
N LYS A 84 -0.83 5.56 -17.80
CA LYS A 84 0.26 4.60 -17.99
C LYS A 84 -0.36 3.37 -17.37
N LYS A 85 -0.87 3.58 -16.16
CA LYS A 85 -1.53 2.50 -15.46
C LYS A 85 -2.71 1.92 -16.28
N SER A 86 -3.68 2.75 -16.71
CA SER A 86 -4.86 2.26 -17.46
C SER A 86 -4.64 1.33 -18.65
N LYS A 87 -3.75 1.72 -19.55
CA LYS A 87 -3.47 0.95 -20.77
C LYS A 87 -2.86 -0.45 -20.53
N ARG A 88 -2.12 -0.59 -19.42
CA ARG A 88 -1.46 -1.84 -19.07
C ARG A 88 -2.48 -2.91 -18.77
N ALA A 89 -3.57 -2.49 -18.19
CA ALA A 89 -4.64 -3.41 -17.83
C ALA A 89 -5.22 -4.01 -19.10
N ILE A 90 -5.59 -3.11 -20.01
CA ILE A 90 -6.17 -3.48 -21.29
C ILE A 90 -5.15 -4.42 -21.95
N ARG A 91 -3.97 -3.90 -22.23
CA ARG A 91 -2.89 -4.70 -22.83
C ARG A 91 -2.84 -6.07 -22.16
N LEU A 92 -3.10 -6.07 -20.86
CA LEU A 92 -3.12 -7.24 -20.00
C LEU A 92 -4.27 -8.13 -20.40
N PHE A 93 -5.42 -7.52 -20.52
CA PHE A 93 -6.56 -8.27 -20.94
C PHE A 93 -6.30 -8.78 -22.33
N LYS A 94 -5.41 -8.12 -23.04
CA LYS A 94 -5.09 -8.55 -24.41
C LYS A 94 -4.21 -9.81 -24.37
N GLU A 95 -2.95 -9.62 -23.98
CA GLU A 95 -1.98 -10.69 -23.87
C GLU A 95 -2.58 -11.95 -23.27
N GLY A 96 -3.13 -11.79 -22.06
CA GLY A 96 -3.72 -12.88 -21.28
C GLY A 96 -4.74 -13.86 -21.82
N LYS A 97 -5.67 -13.39 -22.67
CA LYS A 97 -6.74 -14.22 -23.25
C LYS A 97 -7.45 -15.07 -22.21
N GLU A 98 -7.55 -16.33 -22.58
CA GLU A 98 -8.17 -17.34 -21.76
C GLU A 98 -7.60 -17.31 -20.34
N ARG A 99 -6.27 -17.15 -20.22
CA ARG A 99 -5.62 -17.10 -18.90
C ARG A 99 -6.38 -16.26 -17.92
N MET A 100 -7.07 -15.25 -18.47
CA MET A 100 -7.83 -14.33 -17.67
C MET A 100 -8.84 -14.98 -16.70
N TYR A 101 -8.98 -16.31 -16.75
CA TYR A 101 -9.94 -17.00 -15.88
C TYR A 101 -9.43 -18.39 -15.47
N GLN A 106 -0.92 -16.10 -13.81
CA GLN A 106 -0.01 -15.00 -13.46
C GLN A 106 -0.44 -13.66 -14.05
N ASP A 107 -1.14 -13.69 -15.19
CA ASP A 107 -1.62 -12.45 -15.82
C ASP A 107 -2.75 -11.92 -14.92
N ARG A 108 -3.46 -12.86 -14.29
CA ARG A 108 -4.55 -12.53 -13.38
C ARG A 108 -3.99 -11.93 -12.11
N ARG A 109 -3.15 -12.69 -11.38
CA ARG A 109 -2.55 -12.20 -10.12
C ARG A 109 -2.05 -10.80 -10.32
N ASN A 110 -1.54 -10.55 -11.53
CA ASN A 110 -1.04 -9.25 -11.92
C ASN A 110 -2.18 -8.26 -11.82
N LEU A 111 -3.33 -8.67 -12.32
CA LEU A 111 -4.52 -7.85 -12.28
C LEU A 111 -4.64 -7.37 -10.84
N THR A 112 -4.66 -8.29 -9.88
CA THR A 112 -4.79 -7.91 -8.48
C THR A 112 -3.75 -6.93 -7.93
N LYS A 113 -2.50 -7.09 -8.33
CA LYS A 113 -1.40 -6.21 -7.91
C LYS A 113 -1.78 -4.78 -8.24
N LEU A 114 -2.52 -4.69 -9.34
CA LEU A 114 -3.02 -3.45 -9.93
C LEU A 114 -4.20 -2.88 -9.17
N SER A 115 -5.37 -3.53 -9.26
CA SER A 115 -6.54 -3.04 -8.54
C SER A 115 -6.05 -2.53 -7.19
N LEU A 116 -4.96 -3.12 -6.74
CA LEU A 116 -4.36 -2.76 -5.48
C LEU A 116 -3.75 -1.37 -5.66
N ILE A 117 -2.75 -1.28 -6.54
CA ILE A 117 -2.08 0.00 -6.80
C ILE A 117 -3.04 1.14 -7.17
N PHE A 118 -4.14 0.82 -7.83
CA PHE A 118 -5.13 1.83 -8.17
C PHE A 118 -5.78 2.24 -6.87
N SER A 119 -6.02 1.26 -6.00
CA SER A 119 -6.64 1.50 -4.71
C SER A 119 -5.89 2.58 -3.95
N HIS A 120 -4.57 2.51 -4.05
CA HIS A 120 -3.64 3.44 -3.39
C HIS A 120 -3.57 4.79 -4.12
N MET A 121 -3.54 4.74 -5.45
CA MET A 121 -3.52 5.97 -6.23
C MET A 121 -4.78 6.71 -5.82
N LEU A 122 -5.81 5.96 -5.44
CA LEU A 122 -7.09 6.53 -5.02
C LEU A 122 -6.91 7.35 -3.77
N ALA A 123 -6.36 6.68 -2.78
CA ALA A 123 -6.10 7.27 -1.47
C ALA A 123 -5.19 8.47 -1.54
N GLU A 124 -4.17 8.42 -2.39
CA GLU A 124 -3.25 9.53 -2.48
C GLU A 124 -3.81 10.79 -3.13
N ILE A 125 -4.52 10.64 -4.23
CA ILE A 125 -5.10 11.79 -4.88
C ILE A 125 -6.11 12.35 -3.94
N LYS A 126 -6.75 11.47 -3.15
CA LYS A 126 -7.76 11.88 -2.18
C LYS A 126 -7.14 12.70 -1.05
N ALA A 127 -5.90 12.34 -0.71
CA ALA A 127 -5.13 12.97 0.34
C ALA A 127 -4.45 14.29 -0.08
N ILE A 128 -3.96 14.38 -1.32
CA ILE A 128 -3.31 15.60 -1.82
C ILE A 128 -4.34 16.68 -2.26
N PHE A 129 -5.55 16.23 -2.56
CA PHE A 129 -6.68 17.06 -2.97
C PHE A 129 -7.91 16.64 -2.14
N PRO A 130 -8.08 17.28 -0.97
CA PRO A 130 -9.21 16.99 -0.07
C PRO A 130 -10.38 17.91 -0.41
N ASN A 131 -11.54 17.29 -0.64
CA ASN A 131 -12.78 17.98 -0.99
C ASN A 131 -12.70 18.42 -2.45
N GLY A 132 -11.57 18.10 -3.09
CA GLY A 132 -11.34 18.44 -4.48
C GLY A 132 -10.24 19.44 -4.79
N GLN A 133 -9.63 20.04 -3.76
CA GLN A 133 -8.60 21.06 -3.97
C GLN A 133 -7.19 20.70 -3.50
N PHE A 134 -6.19 21.26 -4.19
CA PHE A 134 -4.83 20.98 -3.83
C PHE A 134 -4.42 21.50 -2.49
N GLN A 135 -3.99 20.58 -1.64
CA GLN A 135 -3.53 20.91 -0.31
C GLN A 135 -2.23 20.19 -0.02
N GLY A 136 -1.51 19.76 -1.07
CA GLY A 136 -0.23 19.08 -0.85
C GLY A 136 0.80 20.03 -0.25
N ASP A 137 0.64 21.29 -0.59
CA ASP A 137 1.51 22.25 -0.01
C ASP A 137 1.51 22.21 1.52
N ASN A 138 0.50 21.62 2.10
CA ASN A 138 0.37 21.70 3.55
C ASN A 138 0.15 20.37 4.29
N PHE A 139 0.50 19.25 3.65
CA PHE A 139 0.29 17.96 4.23
C PHE A 139 0.96 17.91 5.57
N ARG A 140 0.21 17.43 6.54
CA ARG A 140 0.73 17.31 7.85
C ARG A 140 1.12 15.87 8.04
N ILE A 141 2.43 15.62 8.04
CA ILE A 141 2.92 14.25 8.22
C ILE A 141 2.85 13.86 9.69
N THR A 142 2.41 12.63 9.95
CA THR A 142 2.26 12.13 11.32
C THR A 142 3.47 12.23 12.23
N LYS A 143 4.58 11.59 11.88
CA LYS A 143 5.74 11.67 12.77
C LYS A 143 6.58 12.93 12.53
N ALA A 144 6.86 13.63 13.63
CA ALA A 144 7.61 14.88 13.64
C ALA A 144 9.00 14.76 13.06
N ASP A 145 9.89 13.96 13.66
CA ASP A 145 11.25 13.79 13.11
C ASP A 145 11.11 13.65 11.62
N ALA A 146 10.16 12.80 11.29
CA ALA A 146 9.83 12.49 9.92
C ALA A 146 9.56 13.76 9.15
N ALA A 147 8.72 14.61 9.72
CA ALA A 147 8.35 15.86 9.09
C ALA A 147 9.51 16.84 8.87
N GLU A 148 10.40 16.98 9.86
CA GLU A 148 11.52 17.90 9.73
C GLU A 148 12.50 17.36 8.72
N PHE A 149 12.54 16.05 8.58
CA PHE A 149 13.45 15.47 7.62
C PHE A 149 13.05 16.00 6.27
N TRP A 150 11.81 15.70 5.89
CA TRP A 150 11.26 16.10 4.59
C TRP A 150 11.26 17.60 4.39
N ARG A 151 10.80 18.34 5.40
CA ARG A 151 10.77 19.80 5.34
C ARG A 151 12.20 20.28 5.11
N LYS A 152 13.11 19.89 5.99
CA LYS A 152 14.50 20.25 5.80
C LYS A 152 14.83 19.94 4.35
N PHE A 153 15.05 18.68 4.03
CA PHE A 153 15.41 18.34 2.67
C PHE A 153 14.51 18.88 1.52
N PHE A 154 13.27 18.42 1.42
CA PHE A 154 12.33 18.85 0.37
C PHE A 154 11.54 20.11 0.67
N GLY A 155 11.40 20.40 1.95
CA GLY A 155 10.70 21.61 2.31
C GLY A 155 9.35 21.73 1.65
N ASP A 156 9.22 22.71 0.77
CA ASP A 156 8.00 22.99 0.06
C ASP A 156 7.36 21.88 -0.82
N LYS A 157 8.18 20.95 -1.29
CA LYS A 157 7.75 19.86 -2.19
C LYS A 157 6.65 18.93 -1.67
N THR A 158 5.89 18.39 -2.64
CA THR A 158 4.75 17.46 -2.49
C THR A 158 5.11 16.08 -3.10
N ILE A 159 5.84 16.06 -4.22
CA ILE A 159 6.23 14.81 -4.86
C ILE A 159 7.73 14.91 -5.14
N VAL A 160 8.44 13.79 -5.15
CA VAL A 160 9.86 13.79 -5.43
C VAL A 160 10.24 12.52 -6.21
N PRO A 161 11.07 12.63 -7.28
CA PRO A 161 11.44 11.42 -8.02
C PRO A 161 12.08 10.40 -7.06
N TRP A 162 12.34 9.18 -7.51
CA TRP A 162 12.94 8.20 -6.58
C TRP A 162 14.42 8.46 -6.23
N LYS A 163 15.30 8.56 -7.24
CA LYS A 163 16.75 8.79 -7.05
C LYS A 163 17.08 9.88 -6.04
N VAL A 164 16.53 11.05 -6.30
CA VAL A 164 16.67 12.24 -5.46
C VAL A 164 16.51 11.77 -4.02
N PHE A 165 15.26 11.48 -3.67
CA PHE A 165 14.90 11.00 -2.35
C PHE A 165 15.97 10.07 -1.77
N ARG A 166 16.04 8.85 -2.31
CA ARG A 166 17.01 7.86 -1.88
C ARG A 166 18.33 8.53 -1.49
N GLN A 167 18.74 9.53 -2.27
CA GLN A 167 19.97 10.24 -2.01
C GLN A 167 19.94 10.98 -0.73
N CYS A 168 18.83 11.62 -0.48
CA CYS A 168 18.70 12.41 0.73
C CYS A 168 18.54 11.45 1.86
N LEU A 169 17.64 10.50 1.64
CA LEU A 169 17.32 9.45 2.59
C LEU A 169 18.64 8.91 3.11
N HIS A 170 19.56 8.87 2.16
CA HIS A 170 20.88 8.37 2.36
C HIS A 170 21.83 9.24 3.18
N GLU A 171 21.66 10.56 3.15
CA GLU A 171 22.51 11.50 3.92
C GLU A 171 22.36 11.29 5.44
N VAL A 172 21.21 10.72 5.82
CA VAL A 172 20.83 10.45 7.20
C VAL A 172 20.88 8.94 7.54
N HIS A 173 20.15 8.12 6.79
CA HIS A 173 20.11 6.68 7.02
C HIS A 173 20.72 5.81 5.91
N GLN A 174 22.05 5.70 5.86
CA GLN A 174 22.77 4.89 4.86
C GLN A 174 22.09 3.60 4.34
N ILE A 175 22.05 3.45 3.03
CA ILE A 175 21.43 2.28 2.40
C ILE A 175 22.46 1.30 1.87
N SER A 176 22.68 0.26 2.66
CA SER A 176 23.64 -0.81 2.39
C SER A 176 23.98 -1.28 0.97
N SER A 177 23.03 -1.34 0.04
CA SER A 177 23.36 -1.77 -1.34
C SER A 177 22.27 -1.47 -2.37
N GLY A 178 22.68 -1.37 -3.65
CA GLY A 178 21.75 -1.09 -4.74
C GLY A 178 20.53 -1.99 -4.70
N LEU A 179 20.76 -3.23 -4.28
CA LEU A 179 19.71 -4.24 -4.15
C LEU A 179 18.66 -3.73 -3.18
N GLU A 180 19.08 -3.48 -1.92
CA GLU A 180 18.18 -2.99 -0.86
C GLU A 180 17.44 -1.68 -1.15
N ALA A 181 18.09 -0.79 -1.89
CA ALA A 181 17.47 0.47 -2.26
C ALA A 181 16.19 0.12 -2.99
N MET A 182 16.29 -0.49 -4.17
CA MET A 182 15.09 -0.82 -4.93
C MET A 182 14.03 -1.54 -4.08
N ALA A 183 14.46 -2.46 -3.22
CA ALA A 183 13.56 -3.23 -2.35
C ALA A 183 12.78 -2.27 -1.49
N LEU A 184 13.43 -1.15 -1.17
CA LEU A 184 12.83 -0.11 -0.33
C LEU A 184 12.03 0.76 -1.22
N LYS A 185 12.52 0.93 -2.44
CA LYS A 185 11.81 1.75 -3.40
C LYS A 185 10.47 1.06 -3.41
N SER A 186 10.54 -0.26 -3.50
CA SER A 186 9.38 -1.12 -3.52
C SER A 186 8.42 -0.83 -2.39
N THR A 187 8.91 -0.72 -1.16
CA THR A 187 8.04 -0.49 0.00
C THR A 187 7.50 0.92 0.16
N ILE A 188 8.18 1.91 -0.44
CA ILE A 188 7.73 3.29 -0.33
C ILE A 188 7.01 3.74 -1.57
N ASP A 189 7.37 3.16 -2.72
CA ASP A 189 6.71 3.53 -3.95
C ASP A 189 5.49 2.69 -4.23
N LEU A 190 4.40 3.05 -3.54
CA LEU A 190 3.08 2.41 -3.62
C LEU A 190 2.44 2.53 -4.99
N THR A 191 2.10 3.76 -5.35
CA THR A 191 1.50 4.10 -6.63
C THR A 191 2.31 3.55 -7.82
N CYS A 192 3.54 3.14 -7.53
CA CYS A 192 4.39 2.58 -8.55
C CYS A 192 4.58 3.58 -9.69
N ASN A 193 5.27 4.68 -9.41
CA ASN A 193 5.52 5.69 -10.44
C ASN A 193 6.90 6.33 -10.30
N ASP A 194 7.77 5.65 -9.58
CA ASP A 194 9.13 6.11 -9.42
C ASP A 194 9.31 7.48 -8.76
N TYR A 195 8.24 7.95 -8.11
CA TYR A 195 8.23 9.20 -7.35
C TYR A 195 7.74 8.87 -5.94
N ILE A 196 8.12 9.71 -4.97
CA ILE A 196 7.69 9.56 -3.57
C ILE A 196 7.09 10.90 -3.08
N SER A 197 5.76 10.95 -2.99
CA SER A 197 5.04 12.13 -2.50
C SER A 197 5.12 12.17 -0.99
N VAL A 198 4.63 13.23 -0.37
CA VAL A 198 4.71 13.26 1.08
C VAL A 198 3.87 12.14 1.72
N PHE A 199 2.85 11.73 0.98
CA PHE A 199 1.90 10.70 1.40
C PHE A 199 2.60 9.34 1.44
N GLU A 200 2.93 8.76 0.29
CA GLU A 200 3.61 7.45 0.28
C GLU A 200 4.67 7.51 1.36
N PHE A 201 5.25 8.70 1.55
CA PHE A 201 6.28 8.94 2.56
C PHE A 201 5.70 8.83 3.99
N ASP A 202 4.65 9.63 4.26
CA ASP A 202 3.97 9.72 5.57
C ASP A 202 3.38 8.43 6.13
N ILE A 203 3.09 7.52 5.22
CA ILE A 203 2.52 6.25 5.54
C ILE A 203 3.61 5.32 6.01
N PHE A 204 4.69 5.29 5.23
CA PHE A 204 5.85 4.45 5.50
C PHE A 204 6.52 4.91 6.75
N THR A 205 6.45 6.21 7.03
CA THR A 205 7.09 6.68 8.25
C THR A 205 6.34 6.24 9.46
N ARG A 206 5.05 6.05 9.28
CA ARG A 206 4.20 5.62 10.37
C ARG A 206 4.21 4.12 10.51
N LEU A 207 4.41 3.45 9.38
CA LEU A 207 4.47 2.01 9.38
C LEU A 207 5.77 1.56 10.09
N PHE A 208 6.90 2.14 9.70
CA PHE A 208 8.17 1.75 10.30
C PHE A 208 8.85 2.82 11.16
N GLN A 209 8.14 3.19 12.22
CA GLN A 209 8.60 4.18 13.20
C GLN A 209 9.18 3.39 14.37
N PRO A 210 10.00 4.04 15.21
CA PRO A 210 10.41 5.45 15.17
C PRO A 210 11.47 5.85 14.15
N TRP A 211 11.40 7.11 13.74
CA TRP A 211 12.28 7.69 12.74
C TRP A 211 13.77 7.35 12.84
N GLY A 212 14.29 7.28 14.04
CA GLY A 212 15.69 6.96 14.17
C GLY A 212 16.06 5.61 13.56
N SER A 213 15.44 4.53 14.07
CA SER A 213 15.73 3.19 13.56
C SER A 213 14.90 2.87 12.33
N ILE A 214 14.57 3.90 11.58
CA ILE A 214 13.80 3.73 10.36
C ILE A 214 14.04 2.46 9.57
N LEU A 215 15.14 2.48 8.83
CA LEU A 215 15.52 1.35 8.00
C LEU A 215 15.80 0.07 8.75
N ARG A 216 16.15 0.23 10.02
CA ARG A 216 16.45 -0.92 10.89
C ARG A 216 15.25 -1.83 11.13
N ASN A 217 14.11 -1.22 11.36
CA ASN A 217 12.85 -1.92 11.62
C ASN A 217 12.43 -2.60 10.34
N TRP A 218 12.25 -1.77 9.31
CA TRP A 218 11.87 -2.19 7.98
C TRP A 218 12.56 -3.52 7.68
N ASN A 219 13.90 -3.52 7.70
CA ASN A 219 14.69 -4.72 7.46
C ASN A 219 14.32 -5.86 8.40
N PHE A 220 14.38 -5.63 9.72
CA PHE A 220 14.05 -6.68 10.66
C PHE A 220 12.62 -7.10 10.45
N LEU A 221 11.77 -6.14 10.11
CA LEU A 221 10.38 -6.45 9.93
C LEU A 221 9.94 -6.98 8.58
N ALA A 222 9.71 -6.09 7.65
CA ALA A 222 9.21 -6.50 6.34
C ALA A 222 10.17 -7.11 5.33
N VAL A 223 11.35 -7.54 5.80
CA VAL A 223 12.37 -8.13 4.90
C VAL A 223 12.79 -9.57 5.27
N THR A 224 13.03 -9.82 6.55
CA THR A 224 13.45 -11.14 7.01
C THR A 224 12.47 -11.71 8.04
N HIS A 225 11.43 -10.98 8.38
CA HIS A 225 10.53 -11.53 9.36
C HIS A 225 9.45 -12.41 8.74
N PRO A 226 9.45 -13.70 9.11
CA PRO A 226 8.49 -14.72 8.63
C PRO A 226 7.06 -14.31 8.84
N GLY A 227 6.90 -13.30 9.68
CA GLY A 227 5.59 -12.80 10.01
C GLY A 227 5.16 -11.56 9.29
N TYR A 228 5.71 -11.25 8.12
CA TYR A 228 5.26 -10.07 7.40
C TYR A 228 4.51 -10.43 6.09
N MET A 229 3.18 -10.48 6.17
CA MET A 229 2.35 -10.85 5.03
C MET A 229 2.03 -9.75 4.06
N ALA A 230 2.72 -8.63 4.17
CA ALA A 230 2.42 -7.55 3.25
C ALA A 230 0.89 -7.35 3.25
N PHE A 231 0.34 -6.89 2.13
CA PHE A 231 -1.09 -6.66 2.07
C PHE A 231 -1.87 -7.91 2.13
N LEU A 232 -2.95 -7.89 2.90
CA LEU A 232 -3.82 -9.04 3.02
C LEU A 232 -5.22 -8.63 3.52
N THR A 233 -6.22 -9.49 3.30
CA THR A 233 -7.63 -9.26 3.70
C THR A 233 -7.91 -9.91 5.05
N TYR A 234 -8.97 -9.52 5.77
CA TYR A 234 -9.21 -10.19 7.05
C TYR A 234 -9.62 -11.65 6.84
N ASP A 235 -10.13 -11.94 5.65
CA ASP A 235 -10.56 -13.28 5.31
C ASP A 235 -9.40 -14.16 4.96
N GLU A 236 -8.43 -13.61 4.24
CA GLU A 236 -7.23 -14.37 3.87
C GLU A 236 -6.36 -14.67 5.12
N VAL A 237 -6.09 -13.64 5.92
CA VAL A 237 -5.33 -13.77 7.16
C VAL A 237 -5.91 -14.91 8.01
N LYS A 238 -7.21 -14.81 8.29
CA LYS A 238 -7.88 -15.85 9.05
C LYS A 238 -7.49 -17.16 8.32
N ALA A 239 -7.91 -17.22 7.05
CA ALA A 239 -7.72 -18.36 6.16
C ALA A 239 -6.42 -19.06 6.38
N ARG A 240 -5.37 -18.25 6.41
CA ARG A 240 -4.02 -18.75 6.55
C ARG A 240 -3.78 -19.34 7.95
N LEU A 241 -4.26 -18.68 8.99
CA LEU A 241 -4.08 -19.13 10.38
C LEU A 241 -5.11 -20.18 10.84
N GLN A 242 -5.80 -20.75 9.87
CA GLN A 242 -6.77 -21.80 10.12
C GLN A 242 -5.93 -23.07 10.10
N LYS A 243 -4.71 -22.94 9.56
CA LYS A 243 -3.77 -24.04 9.46
C LYS A 243 -2.93 -24.11 10.72
N TYR A 244 -3.40 -23.45 11.80
CA TYR A 244 -2.68 -23.44 13.08
C TYR A 244 -3.62 -23.45 14.27
N SER A 245 -4.91 -23.63 14.02
CA SER A 245 -5.85 -23.65 15.12
C SER A 245 -5.18 -24.55 16.14
N THR A 246 -4.69 -25.68 15.66
CA THR A 246 -4.01 -26.65 16.50
C THR A 246 -2.96 -26.01 17.40
N LYS A 247 -2.28 -25.00 16.89
CA LYS A 247 -1.23 -24.36 17.69
C LYS A 247 -1.40 -22.87 18.04
N PRO A 248 -2.13 -22.56 19.12
CA PRO A 248 -2.30 -21.16 19.49
C PRO A 248 -0.96 -20.49 19.76
N GLY A 249 -0.87 -19.19 19.46
CA GLY A 249 0.38 -18.46 19.64
C GLY A 249 0.85 -18.03 18.28
N SER A 250 0.47 -18.82 17.28
CA SER A 250 0.85 -18.53 15.91
C SER A 250 0.14 -17.26 15.46
N TYR A 251 0.96 -16.36 14.91
CA TYR A 251 0.51 -15.07 14.42
C TYR A 251 1.30 -14.62 13.20
N ILE A 252 0.83 -13.54 12.61
CA ILE A 252 1.44 -12.93 11.44
C ILE A 252 0.90 -11.49 11.42
N PHE A 253 1.60 -10.56 10.77
CA PHE A 253 1.06 -9.21 10.70
C PHE A 253 0.90 -8.68 9.27
N ARG A 254 0.06 -7.66 9.08
CA ARG A 254 -0.18 -7.14 7.73
C ARG A 254 -0.53 -5.68 7.63
N LEU A 255 -0.57 -5.26 6.38
CA LEU A 255 -0.92 -3.92 6.01
C LEU A 255 -2.33 -4.01 5.52
N SER A 256 -2.96 -2.87 5.33
CA SER A 256 -4.34 -2.86 4.89
C SER A 256 -4.55 -1.72 3.89
N CYS A 257 -5.21 -2.04 2.77
CA CYS A 257 -5.54 -1.11 1.68
C CYS A 257 -6.62 -0.11 2.15
N THR A 258 -7.58 -0.66 2.91
CA THR A 258 -8.69 0.09 3.47
C THR A 258 -8.24 0.99 4.61
N ARG A 259 -6.96 0.96 4.95
CA ARG A 259 -6.43 1.80 6.03
C ARG A 259 -4.92 1.80 6.05
N LEU A 260 -4.36 2.41 5.01
CA LEU A 260 -2.94 2.52 4.81
C LEU A 260 -2.17 3.19 5.95
N GLY A 261 -0.95 2.71 6.18
CA GLY A 261 -0.12 3.25 7.24
C GLY A 261 -0.48 2.53 8.51
N GLN A 262 -1.26 1.47 8.35
CA GLN A 262 -1.70 0.67 9.49
C GLN A 262 -1.53 -0.83 9.42
N TRP A 263 -0.96 -1.33 10.51
CA TRP A 263 -0.70 -2.74 10.69
C TRP A 263 -1.76 -3.32 11.58
N ALA A 264 -2.09 -4.57 11.31
CA ALA A 264 -3.08 -5.29 12.09
C ALA A 264 -2.42 -6.62 12.44
N ILE A 265 -2.63 -7.13 13.66
CA ILE A 265 -2.00 -8.38 14.06
C ILE A 265 -2.98 -9.50 14.24
N GLY A 266 -2.76 -10.60 13.53
CA GLY A 266 -3.63 -11.76 13.67
C GLY A 266 -2.88 -12.83 14.42
N TYR A 267 -3.57 -13.63 15.22
CA TYR A 267 -2.91 -14.71 16.00
C TYR A 267 -3.94 -15.74 16.50
N VAL A 268 -3.46 -16.89 16.95
CA VAL A 268 -4.35 -17.94 17.43
C VAL A 268 -4.34 -18.08 18.94
N THR A 269 -5.53 -18.21 19.50
CA THR A 269 -5.72 -18.31 20.96
C THR A 269 -5.62 -19.69 21.61
N GLY A 270 -5.41 -19.68 22.93
CA GLY A 270 -5.33 -20.92 23.69
C GLY A 270 -6.77 -21.38 23.85
N ASP A 271 -7.62 -20.79 23.00
CA ASP A 271 -9.05 -21.08 22.92
C ASP A 271 -9.19 -21.75 21.57
N GLY A 272 -8.07 -21.75 20.83
CA GLY A 272 -8.00 -22.35 19.50
C GLY A 272 -8.49 -21.44 18.38
N ASN A 273 -9.01 -20.26 18.77
CA ASN A 273 -9.55 -19.28 17.85
C ASN A 273 -8.51 -18.34 17.29
N ILE A 274 -8.99 -17.51 16.37
CA ILE A 274 -8.17 -16.54 15.66
C ILE A 274 -8.59 -15.10 15.89
N LEU A 275 -7.71 -14.32 16.53
CA LEU A 275 -8.01 -12.92 16.80
C LEU A 275 -7.18 -11.92 16.01
N GLN A 276 -7.76 -10.73 15.88
CA GLN A 276 -7.16 -9.64 15.16
C GLN A 276 -7.09 -8.32 15.91
N THR A 277 -5.86 -7.86 16.18
CA THR A 277 -5.64 -6.59 16.86
C THR A 277 -5.00 -5.64 15.84
N ILE A 278 -5.08 -4.34 16.13
CA ILE A 278 -4.47 -3.26 15.36
C ILE A 278 -3.94 -2.37 16.49
N PRO A 279 -2.62 -2.13 16.56
CA PRO A 279 -2.14 -1.28 17.65
C PRO A 279 -2.76 0.06 17.40
N HIS A 280 -2.92 0.88 18.44
CA HIS A 280 -3.53 2.21 18.24
C HIS A 280 -2.40 2.94 17.55
N ASN A 281 -1.44 3.39 18.31
CA ASN A 281 -0.33 4.04 17.69
C ASN A 281 0.89 3.81 18.54
N LYS A 282 1.22 2.53 18.67
CA LYS A 282 2.42 2.04 19.40
C LYS A 282 3.06 1.28 18.21
N PRO A 283 4.38 1.42 17.99
CA PRO A 283 4.89 0.67 16.83
C PRO A 283 4.72 -0.86 16.91
N LEU A 284 4.93 -1.50 15.77
CA LEU A 284 4.85 -2.93 15.60
C LEU A 284 5.99 -3.41 16.45
N PHE A 285 7.17 -2.84 16.22
CA PHE A 285 8.38 -3.20 16.96
C PHE A 285 8.05 -3.56 18.41
N GLN A 286 7.54 -2.60 19.19
CA GLN A 286 7.22 -2.91 20.59
C GLN A 286 6.05 -3.87 20.74
N ALA A 287 4.94 -3.58 20.08
CA ALA A 287 3.77 -4.43 20.14
C ALA A 287 4.20 -5.88 20.19
N LEU A 288 4.73 -6.36 19.08
CA LEU A 288 5.19 -7.75 18.98
C LEU A 288 6.12 -8.13 20.11
N ILE A 289 7.02 -7.20 20.48
CA ILE A 289 8.01 -7.41 21.55
C ILE A 289 7.27 -7.73 22.83
N ASP A 290 6.16 -7.01 23.05
CA ASP A 290 5.35 -7.19 24.23
C ASP A 290 4.38 -8.32 24.04
N GLY A 291 3.47 -8.22 23.08
CA GLY A 291 2.53 -9.31 22.86
C GLY A 291 3.21 -10.66 22.92
N SER A 292 4.45 -10.73 22.41
CA SER A 292 5.17 -12.00 22.45
C SER A 292 5.39 -12.39 23.92
N ARG A 293 5.60 -11.36 24.76
CA ARG A 293 5.83 -11.51 26.21
C ARG A 293 4.67 -12.10 26.99
N GLU A 294 3.48 -11.56 26.79
CA GLU A 294 2.32 -12.13 27.45
C GLU A 294 2.07 -13.45 26.74
N GLY A 295 3.09 -13.90 26.01
CA GLY A 295 3.00 -15.15 25.30
C GLY A 295 1.93 -15.15 24.24
N PHE A 296 1.74 -14.01 23.60
CA PHE A 296 0.71 -13.89 22.57
C PHE A 296 1.30 -14.15 21.16
N TYR A 297 2.48 -13.59 20.93
CA TYR A 297 3.15 -13.74 19.66
C TYR A 297 4.39 -14.64 19.90
N LEU A 298 4.32 -15.91 19.45
CA LEU A 298 5.41 -16.86 19.67
C LEU A 298 5.96 -17.73 18.51
N TYR A 299 5.20 -17.90 17.42
CA TYR A 299 5.65 -18.73 16.28
C TYR A 299 5.27 -18.01 15.00
N PRO A 300 6.07 -17.01 14.60
CA PRO A 300 5.78 -16.25 13.38
C PRO A 300 5.35 -17.23 12.31
N ASP A 301 4.18 -16.95 11.75
CA ASP A 301 3.64 -17.81 10.71
C ASP A 301 3.78 -19.27 11.08
N GLY A 302 3.25 -19.62 12.25
CA GLY A 302 3.33 -21.00 12.69
C GLY A 302 4.73 -21.57 12.58
N ARG A 303 5.76 -20.72 12.59
CA ARG A 303 7.11 -21.20 12.51
C ARG A 303 7.82 -21.21 13.87
N SER A 304 8.39 -22.38 14.16
CA SER A 304 9.14 -22.71 15.36
C SER A 304 9.87 -21.51 15.94
N TYR A 305 10.92 -21.11 15.26
CA TYR A 305 11.73 -19.98 15.69
C TYR A 305 10.95 -18.64 15.54
N ASN A 306 11.18 -17.71 16.48
CA ASN A 306 10.51 -16.40 16.50
C ASN A 306 11.40 -15.24 16.99
N PRO A 307 11.66 -14.23 16.13
CA PRO A 307 12.51 -13.15 16.61
C PRO A 307 11.68 -11.93 17.07
N ARG B 11 -44.80 -11.05 -69.16
CA ARG B 11 -43.89 -10.30 -70.07
C ARG B 11 -44.42 -8.87 -70.25
N ARG B 12 -45.74 -8.75 -70.23
CA ARG B 12 -46.43 -7.48 -70.42
C ARG B 12 -46.28 -6.45 -69.29
N THR B 13 -46.26 -6.95 -68.05
CA THR B 13 -46.14 -6.10 -66.87
C THR B 13 -44.89 -5.21 -66.93
N VAL B 14 -43.73 -5.85 -67.02
CA VAL B 14 -42.48 -5.11 -67.09
C VAL B 14 -42.43 -4.21 -68.35
N GLU B 15 -43.25 -4.54 -69.36
CA GLU B 15 -43.32 -3.75 -70.60
C GLU B 15 -43.76 -2.35 -70.22
N LYS B 16 -44.80 -2.29 -69.40
CA LYS B 16 -45.35 -1.04 -68.91
C LYS B 16 -44.39 -0.43 -67.89
N THR B 17 -43.73 -1.30 -67.12
CA THR B 17 -42.74 -0.87 -66.14
C THR B 17 -41.78 0.01 -66.94
N TRP B 18 -41.34 -0.55 -68.06
CA TRP B 18 -40.43 0.12 -68.98
C TRP B 18 -41.02 1.44 -69.44
N LYS B 19 -42.14 1.35 -70.15
CA LYS B 19 -42.81 2.53 -70.66
C LYS B 19 -42.67 3.73 -69.72
N LEU B 20 -42.75 3.49 -68.42
CA LEU B 20 -42.64 4.55 -67.41
C LEU B 20 -41.21 5.06 -67.23
N MET B 21 -40.30 4.15 -66.87
CA MET B 21 -38.87 4.49 -66.70
C MET B 21 -38.35 5.30 -67.90
N ASP B 22 -38.90 4.98 -69.06
CA ASP B 22 -38.58 5.63 -70.32
C ASP B 22 -39.01 7.10 -70.15
N LYS B 23 -40.25 7.30 -69.73
CA LYS B 23 -40.80 8.64 -69.51
C LYS B 23 -39.82 9.46 -68.69
N VAL B 24 -39.36 8.83 -67.62
CA VAL B 24 -38.42 9.45 -66.69
C VAL B 24 -37.06 9.82 -67.31
N VAL B 25 -36.41 8.89 -68.00
CA VAL B 25 -35.13 9.21 -68.60
C VAL B 25 -35.40 10.29 -69.62
N ARG B 26 -36.63 10.31 -70.14
CA ARG B 26 -36.99 11.31 -71.14
C ARG B 26 -37.16 12.67 -70.40
N LEU B 27 -38.02 12.65 -69.38
CA LEU B 27 -38.32 13.84 -68.57
C LEU B 27 -37.03 14.44 -68.09
N CYS B 28 -36.30 13.69 -67.26
CA CYS B 28 -35.06 14.19 -66.72
C CYS B 28 -34.17 14.85 -67.77
N GLN B 29 -34.27 14.40 -69.02
CA GLN B 29 -33.42 14.92 -70.09
C GLN B 29 -33.52 16.43 -70.44
N ASN B 30 -34.35 17.15 -69.70
CA ASN B 30 -34.57 18.57 -69.95
C ASN B 30 -33.47 19.50 -69.48
N PRO B 31 -32.78 20.16 -70.43
CA PRO B 31 -31.68 21.12 -70.22
C PRO B 31 -31.79 22.01 -68.96
N LYS B 32 -32.80 22.88 -68.92
CA LYS B 32 -33.02 23.78 -67.79
C LYS B 32 -32.64 23.21 -66.40
N LEU B 33 -32.93 21.92 -66.18
CA LEU B 33 -32.64 21.23 -64.91
C LEU B 33 -31.22 21.40 -64.46
N GLN B 34 -30.31 21.13 -65.39
CA GLN B 34 -28.87 21.20 -65.14
C GLN B 34 -28.49 20.12 -64.11
N LEU B 35 -28.58 18.85 -64.54
CA LEU B 35 -28.27 17.71 -63.69
C LEU B 35 -26.77 17.55 -63.40
N LYS B 36 -26.46 17.61 -62.11
CA LYS B 36 -25.12 17.42 -61.60
C LYS B 36 -24.74 15.96 -61.84
N ASN B 37 -23.72 15.77 -62.67
CA ASN B 37 -23.14 14.46 -63.03
C ASN B 37 -22.30 13.86 -61.86
N SER B 38 -22.97 13.50 -60.75
CA SER B 38 -22.31 12.90 -59.58
C SER B 38 -23.30 11.76 -59.08
N PRO B 39 -22.74 10.58 -58.68
CA PRO B 39 -23.61 9.43 -58.24
C PRO B 39 -24.70 9.94 -57.27
N PRO B 40 -26.00 9.61 -57.50
CA PRO B 40 -26.28 8.80 -58.68
C PRO B 40 -26.50 9.54 -60.00
N TYR B 41 -26.64 8.73 -61.06
CA TYR B 41 -26.87 9.22 -62.42
C TYR B 41 -28.13 8.51 -62.90
N ILE B 42 -29.27 8.97 -62.40
CA ILE B 42 -30.55 8.38 -62.75
C ILE B 42 -30.60 8.09 -64.24
N LEU B 43 -30.02 8.99 -65.01
CA LEU B 43 -30.02 8.78 -66.44
C LEU B 43 -29.18 7.56 -66.82
N ASP B 44 -28.25 7.15 -65.96
CA ASP B 44 -27.45 5.97 -66.27
C ASP B 44 -28.07 4.82 -65.53
N ILE B 45 -28.49 5.08 -64.31
CA ILE B 45 -29.11 4.06 -63.47
C ILE B 45 -30.41 3.49 -64.05
N LEU B 46 -31.25 4.36 -64.59
CA LEU B 46 -32.53 3.93 -65.15
C LEU B 46 -32.41 3.01 -66.35
N PRO B 47 -31.50 3.34 -67.27
CA PRO B 47 -31.27 2.53 -68.47
C PRO B 47 -30.55 1.24 -68.10
N ASP B 48 -29.62 1.34 -67.16
CA ASP B 48 -28.86 0.18 -66.71
C ASP B 48 -29.76 -0.85 -66.08
N THR B 49 -30.83 -0.38 -65.45
CA THR B 49 -31.79 -1.29 -64.82
C THR B 49 -32.49 -2.03 -65.94
N TYR B 50 -33.09 -1.26 -66.84
CA TYR B 50 -33.78 -1.84 -67.98
C TYR B 50 -32.96 -2.98 -68.57
N GLN B 51 -31.68 -2.73 -68.84
CA GLN B 51 -30.78 -3.75 -69.40
C GLN B 51 -30.80 -5.01 -68.55
N HIS B 52 -30.45 -4.89 -67.27
CA HIS B 52 -30.43 -6.05 -66.41
C HIS B 52 -31.75 -6.73 -66.51
N LEU B 53 -32.85 -5.98 -66.41
CA LEU B 53 -34.15 -6.62 -66.53
C LEU B 53 -34.13 -7.50 -67.77
N ARG B 54 -33.48 -7.00 -68.83
CA ARG B 54 -33.37 -7.76 -70.07
C ARG B 54 -32.66 -9.07 -69.75
N LEU B 55 -31.39 -8.98 -69.31
CA LEU B 55 -30.59 -10.15 -68.95
C LEU B 55 -31.28 -11.23 -68.12
N ILE B 56 -32.02 -10.84 -67.10
CA ILE B 56 -32.72 -11.83 -66.32
C ILE B 56 -33.86 -12.41 -67.12
N LEU B 57 -34.22 -11.74 -68.20
CA LEU B 57 -35.36 -12.18 -69.03
C LEU B 57 -35.06 -13.25 -70.04
N SER B 58 -33.87 -13.15 -70.61
CA SER B 58 -33.45 -14.09 -71.65
C SER B 58 -33.33 -15.41 -70.91
N LYS B 59 -32.60 -15.38 -69.80
CA LYS B 59 -32.46 -16.59 -69.03
C LYS B 59 -33.73 -17.32 -68.68
N TYR B 60 -34.69 -16.52 -68.25
CA TYR B 60 -35.96 -17.13 -67.87
C TYR B 60 -36.57 -18.08 -68.87
N ASP B 61 -36.56 -17.69 -70.12
CA ASP B 61 -37.21 -18.55 -71.09
C ASP B 61 -36.30 -19.68 -71.53
N ALA B 67 -41.85 -18.07 -66.59
CA ALA B 67 -42.95 -18.00 -65.63
C ALA B 67 -42.47 -18.42 -64.25
N GLN B 68 -41.37 -19.18 -64.22
CA GLN B 68 -40.83 -19.59 -62.93
C GLN B 68 -40.59 -18.22 -62.34
N LEU B 69 -39.98 -17.39 -63.15
CA LEU B 69 -39.65 -16.03 -62.80
C LEU B 69 -40.86 -15.28 -62.29
N SER B 70 -41.84 -15.10 -63.16
CA SER B 70 -43.05 -14.39 -62.82
C SER B 70 -43.57 -14.74 -61.44
N GLU B 71 -43.40 -15.97 -61.04
CA GLU B 71 -43.87 -16.39 -59.74
C GLU B 71 -43.02 -15.82 -58.60
N ASN B 72 -41.71 -15.72 -58.85
CA ASN B 72 -40.73 -15.19 -57.88
C ASN B 72 -41.31 -14.03 -57.04
N GLU B 73 -41.30 -14.19 -55.73
CA GLU B 73 -41.87 -13.18 -54.85
C GLU B 73 -41.04 -11.94 -54.62
N TYR B 74 -39.72 -12.10 -54.70
CA TYR B 74 -38.84 -10.96 -54.56
C TYR B 74 -39.01 -10.18 -55.88
N PHE B 75 -39.07 -10.95 -56.99
CA PHE B 75 -39.24 -10.40 -58.33
C PHE B 75 -40.52 -9.57 -58.28
N LYS B 76 -41.65 -10.24 -58.10
CA LYS B 76 -42.94 -9.57 -58.01
C LYS B 76 -42.86 -8.27 -57.19
N ILE B 77 -42.13 -8.35 -56.07
CA ILE B 77 -41.95 -7.24 -55.13
C ILE B 77 -41.13 -6.03 -55.63
N TYR B 78 -40.02 -6.25 -56.34
CA TYR B 78 -39.21 -5.15 -56.83
C TYR B 78 -39.88 -4.43 -57.99
N ILE B 79 -40.67 -5.18 -58.75
CA ILE B 79 -41.41 -4.67 -59.91
C ILE B 79 -42.40 -3.61 -59.47
N ASP B 80 -43.44 -4.02 -58.75
CA ASP B 80 -44.43 -3.06 -58.27
C ASP B 80 -43.70 -1.89 -57.66
N SER B 81 -42.59 -2.19 -56.99
CA SER B 81 -41.78 -1.17 -56.34
C SER B 81 -41.17 -0.37 -57.45
N LEU B 82 -40.64 -1.09 -58.44
CA LEU B 82 -40.04 -0.40 -59.55
C LEU B 82 -41.07 0.45 -60.23
N MET B 83 -42.28 -0.08 -60.42
CA MET B 83 -43.38 0.66 -61.05
C MET B 83 -43.74 1.80 -60.12
N LYS B 84 -44.22 1.43 -58.93
CA LYS B 84 -44.59 2.42 -57.91
C LYS B 84 -43.58 3.58 -57.87
N LYS B 85 -42.30 3.23 -57.85
CA LYS B 85 -41.25 4.23 -57.80
C LYS B 85 -41.30 5.14 -59.02
N SER B 86 -41.28 4.55 -60.22
CA SER B 86 -41.29 5.31 -61.47
C SER B 86 -42.36 6.40 -61.60
N LYS B 87 -43.61 6.04 -61.33
CA LYS B 87 -44.72 6.98 -61.43
C LYS B 87 -44.61 8.14 -60.44
N ARG B 88 -43.91 7.92 -59.32
CA ARG B 88 -43.72 9.01 -58.36
C ARG B 88 -43.00 10.08 -59.16
N ALA B 89 -41.96 9.66 -59.89
CA ALA B 89 -41.15 10.54 -60.73
C ALA B 89 -41.96 11.37 -61.69
N ILE B 90 -42.90 10.73 -62.36
CA ILE B 90 -43.73 11.39 -63.35
C ILE B 90 -44.58 12.48 -62.71
N ARG B 91 -45.27 12.12 -61.64
CA ARG B 91 -46.09 13.05 -60.90
C ARG B 91 -45.29 14.27 -60.39
N LEU B 92 -44.09 14.01 -59.89
CA LEU B 92 -43.24 15.06 -59.36
C LEU B 92 -43.04 16.14 -60.41
N PHE B 93 -42.43 15.77 -61.53
CA PHE B 93 -42.20 16.70 -62.64
C PHE B 93 -43.52 17.41 -62.95
N LYS B 94 -44.63 16.73 -62.66
CA LYS B 94 -45.96 17.28 -62.86
C LYS B 94 -46.14 18.34 -61.76
N GLU B 95 -46.38 17.90 -60.54
CA GLU B 95 -46.54 18.79 -59.38
C GLU B 95 -45.48 19.91 -59.37
N GLY B 96 -44.25 19.55 -59.75
CA GLY B 96 -43.13 20.50 -59.78
C GLY B 96 -43.23 21.72 -60.67
N LYS B 97 -43.26 21.50 -61.99
CA LYS B 97 -43.36 22.57 -63.02
C LYS B 97 -42.06 23.37 -63.11
N GLU B 98 -42.19 24.69 -63.13
CA GLU B 98 -41.03 25.61 -63.20
C GLU B 98 -40.03 25.44 -62.04
N ARG B 99 -40.50 24.96 -60.88
CA ARG B 99 -39.69 24.76 -59.66
C ARG B 99 -38.66 23.61 -59.72
N MET B 100 -38.67 22.86 -60.82
CA MET B 100 -37.75 21.75 -61.01
C MET B 100 -36.31 22.28 -61.23
N TYR B 101 -36.25 23.51 -61.73
CA TYR B 101 -34.99 24.18 -62.04
C TYR B 101 -34.72 25.27 -61.00
N GLN B 106 -38.21 22.06 -53.29
CA GLN B 106 -38.11 20.76 -52.61
C GLN B 106 -38.60 19.63 -53.51
N ASP B 107 -39.17 19.94 -54.67
CA ASP B 107 -39.60 18.86 -55.57
C ASP B 107 -38.31 18.36 -56.22
N ARG B 108 -37.39 19.27 -56.49
CA ARG B 108 -36.11 18.88 -57.10
C ARG B 108 -35.35 18.04 -56.08
N ARG B 109 -35.48 18.40 -54.80
CA ARG B 109 -34.82 17.70 -53.67
C ARG B 109 -35.17 16.24 -53.60
N ASN B 110 -36.46 15.97 -53.76
CA ASN B 110 -36.98 14.60 -53.74
C ASN B 110 -36.30 13.80 -54.80
N LEU B 111 -36.10 14.41 -55.96
CA LEU B 111 -35.44 13.73 -57.06
C LEU B 111 -34.28 12.87 -56.58
N THR B 112 -33.20 13.51 -56.13
CA THR B 112 -32.09 12.70 -55.69
C THR B 112 -32.63 11.62 -54.78
N LYS B 113 -33.48 11.99 -53.82
CA LYS B 113 -34.09 11.01 -52.90
C LYS B 113 -34.35 9.71 -53.62
N LEU B 114 -34.97 9.87 -54.78
CA LEU B 114 -35.34 8.76 -55.63
C LEU B 114 -34.13 8.32 -56.42
N SER B 115 -33.33 9.27 -56.89
CA SER B 115 -32.14 8.92 -57.66
C SER B 115 -31.37 7.86 -56.89
N LEU B 116 -31.28 8.11 -55.60
CA LEU B 116 -30.60 7.21 -54.72
C LEU B 116 -31.36 5.90 -54.71
N ILE B 117 -32.64 5.92 -54.36
CA ILE B 117 -33.47 4.71 -54.30
C ILE B 117 -33.41 3.86 -55.57
N PHE B 118 -33.22 4.50 -56.70
CA PHE B 118 -33.14 3.74 -57.93
C PHE B 118 -31.78 3.05 -57.95
N SER B 119 -30.75 3.77 -57.51
CA SER B 119 -29.39 3.22 -57.47
C SER B 119 -29.37 1.96 -56.68
N HIS B 120 -29.95 2.03 -55.50
CA HIS B 120 -30.01 0.92 -54.57
C HIS B 120 -30.79 -0.23 -55.19
N MET B 121 -32.07 -0.01 -55.51
CA MET B 121 -32.90 -1.07 -56.13
C MET B 121 -32.14 -1.85 -57.20
N LEU B 122 -31.33 -1.10 -57.92
CA LEU B 122 -30.47 -1.64 -58.99
C LEU B 122 -29.42 -2.58 -58.41
N ALA B 123 -28.86 -2.15 -57.30
CA ALA B 123 -27.84 -2.93 -56.60
C ALA B 123 -28.40 -4.26 -56.18
N GLU B 124 -29.45 -4.12 -55.39
CA GLU B 124 -30.18 -5.24 -54.84
C GLU B 124 -30.54 -6.21 -55.93
N ILE B 125 -31.07 -5.70 -57.03
CA ILE B 125 -31.48 -6.54 -58.18
C ILE B 125 -30.28 -7.29 -58.73
N LYS B 126 -29.26 -6.55 -59.10
CA LYS B 126 -28.04 -7.17 -59.62
C LYS B 126 -27.53 -8.22 -58.66
N ALA B 127 -27.45 -7.83 -57.39
CA ALA B 127 -26.95 -8.69 -56.34
C ALA B 127 -27.86 -9.86 -56.01
N ILE B 128 -29.16 -9.73 -56.21
CA ILE B 128 -30.03 -10.87 -55.92
C ILE B 128 -30.09 -11.74 -57.19
N PHE B 129 -29.82 -11.11 -58.34
CA PHE B 129 -29.84 -11.79 -59.64
C PHE B 129 -28.56 -11.54 -60.42
N PRO B 130 -27.48 -12.21 -60.02
CA PRO B 130 -26.19 -12.07 -60.67
C PRO B 130 -26.15 -12.91 -61.94
N ASN B 131 -25.59 -12.31 -62.99
CA ASN B 131 -25.44 -12.90 -64.34
C ASN B 131 -26.78 -13.19 -64.97
N GLY B 132 -27.84 -12.84 -64.25
CA GLY B 132 -29.18 -13.05 -64.77
C GLY B 132 -30.14 -13.87 -63.93
N GLN B 133 -29.66 -15.01 -63.40
CA GLN B 133 -30.45 -15.95 -62.59
C GLN B 133 -30.62 -15.66 -61.11
N PHE B 134 -31.62 -16.31 -60.52
CA PHE B 134 -31.91 -16.12 -59.11
C PHE B 134 -31.04 -16.90 -58.18
N GLN B 135 -30.28 -16.16 -57.41
CA GLN B 135 -29.40 -16.71 -56.41
C GLN B 135 -29.94 -16.12 -55.11
N GLY B 136 -31.15 -15.55 -55.19
CA GLY B 136 -31.75 -14.93 -54.03
C GLY B 136 -31.81 -15.82 -52.79
N ASP B 137 -32.15 -17.09 -53.00
CA ASP B 137 -32.27 -18.05 -51.91
C ASP B 137 -30.95 -18.48 -51.29
N ASN B 138 -29.85 -17.97 -51.86
CA ASN B 138 -28.51 -18.32 -51.39
C ASN B 138 -27.56 -17.14 -51.35
N PHE B 139 -27.96 -16.06 -50.70
CA PHE B 139 -27.06 -14.91 -50.63
C PHE B 139 -26.17 -15.08 -49.42
N ARG B 140 -24.86 -14.97 -49.57
CA ARG B 140 -23.96 -15.13 -48.43
C ARG B 140 -23.89 -13.86 -47.64
N ILE B 141 -24.29 -13.94 -46.37
CA ILE B 141 -24.29 -12.80 -45.47
C ILE B 141 -22.95 -12.68 -44.78
N THR B 142 -22.08 -11.87 -45.37
CA THR B 142 -20.75 -11.64 -44.85
C THR B 142 -20.64 -11.81 -43.36
N LYS B 143 -21.30 -10.97 -42.57
CA LYS B 143 -21.20 -11.13 -41.12
C LYS B 143 -21.96 -12.38 -40.66
N ALA B 144 -21.24 -13.28 -39.99
CA ALA B 144 -21.76 -14.55 -39.52
C ALA B 144 -22.92 -14.58 -38.52
N ASP B 145 -22.72 -14.12 -37.29
CA ASP B 145 -23.81 -14.16 -36.30
C ASP B 145 -25.06 -13.56 -36.91
N ALA B 146 -24.85 -12.60 -37.79
CA ALA B 146 -25.91 -11.90 -38.48
C ALA B 146 -26.64 -12.88 -39.34
N ALA B 147 -25.87 -13.52 -40.22
CA ALA B 147 -26.38 -14.54 -41.12
C ALA B 147 -26.86 -15.65 -40.22
N GLU B 148 -26.17 -15.80 -39.09
CA GLU B 148 -26.59 -16.78 -38.13
C GLU B 148 -28.02 -16.27 -37.82
N PHE B 149 -28.11 -15.06 -37.28
CA PHE B 149 -29.42 -14.49 -36.97
C PHE B 149 -30.47 -14.70 -38.05
N TRP B 150 -30.13 -14.39 -39.31
CA TRP B 150 -31.10 -14.52 -40.39
C TRP B 150 -31.53 -15.94 -40.71
N ARG B 151 -30.56 -16.87 -40.83
CA ARG B 151 -30.86 -18.27 -41.12
C ARG B 151 -31.91 -18.74 -40.12
N LYS B 152 -31.60 -18.56 -38.84
CA LYS B 152 -32.52 -18.95 -37.77
C LYS B 152 -33.91 -18.46 -38.08
N PHE B 153 -34.13 -17.17 -37.96
CA PHE B 153 -35.46 -16.68 -38.18
C PHE B 153 -36.16 -16.76 -39.54
N PHE B 154 -35.51 -16.43 -40.66
CA PHE B 154 -36.23 -16.49 -41.94
C PHE B 154 -35.93 -17.66 -42.89
N GLY B 155 -34.95 -18.46 -42.55
CA GLY B 155 -34.60 -19.58 -43.39
C GLY B 155 -34.25 -19.12 -44.78
N ASP B 156 -34.63 -19.93 -45.75
CA ASP B 156 -34.35 -19.68 -47.16
C ASP B 156 -34.72 -18.35 -47.79
N LYS B 157 -35.60 -17.61 -47.13
CA LYS B 157 -36.11 -16.34 -47.63
C LYS B 157 -35.15 -15.36 -48.35
N THR B 158 -35.71 -14.57 -49.28
CA THR B 158 -35.00 -13.58 -50.12
C THR B 158 -35.51 -12.14 -49.91
N ILE B 159 -36.59 -11.97 -49.14
CA ILE B 159 -37.21 -10.65 -48.84
C ILE B 159 -38.40 -10.79 -47.83
N VAL B 160 -38.29 -10.13 -46.68
CA VAL B 160 -39.34 -10.23 -45.66
C VAL B 160 -40.07 -8.91 -45.37
N PRO B 161 -41.37 -8.98 -45.00
CA PRO B 161 -42.16 -7.79 -44.69
C PRO B 161 -41.55 -7.05 -43.55
N TRP B 162 -41.42 -5.75 -43.70
CA TRP B 162 -40.81 -4.96 -42.67
C TRP B 162 -41.39 -5.30 -41.30
N LYS B 163 -42.72 -5.25 -41.18
CA LYS B 163 -43.36 -5.51 -39.90
C LYS B 163 -42.88 -6.82 -39.28
N VAL B 164 -42.89 -7.86 -40.10
CA VAL B 164 -42.45 -9.17 -39.67
C VAL B 164 -41.01 -9.11 -39.25
N PHE B 165 -40.21 -8.43 -40.06
CA PHE B 165 -38.81 -8.30 -39.76
C PHE B 165 -38.56 -7.58 -38.47
N ARG B 166 -39.36 -6.57 -38.22
CA ARG B 166 -39.23 -5.80 -37.01
C ARG B 166 -39.37 -6.70 -35.75
N GLN B 167 -40.41 -7.55 -35.73
CA GLN B 167 -40.73 -8.46 -34.62
C GLN B 167 -39.60 -9.37 -34.16
N CYS B 168 -39.15 -10.20 -35.09
CA CYS B 168 -38.09 -11.14 -34.83
C CYS B 168 -36.94 -10.37 -34.18
N LEU B 169 -36.41 -9.36 -34.88
CA LEU B 169 -35.31 -8.51 -34.40
C LEU B 169 -35.40 -8.15 -32.93
N HIS B 170 -36.59 -7.72 -32.54
CA HIS B 170 -36.85 -7.34 -31.18
C HIS B 170 -36.61 -8.53 -30.24
N GLU B 171 -36.84 -9.74 -30.75
CA GLU B 171 -36.63 -10.97 -29.97
C GLU B 171 -35.16 -11.12 -29.69
N VAL B 172 -34.34 -10.42 -30.48
CA VAL B 172 -32.88 -10.47 -30.33
C VAL B 172 -32.23 -9.11 -30.01
N HIS B 173 -32.86 -8.01 -30.43
CA HIS B 173 -32.33 -6.67 -30.15
C HIS B 173 -33.53 -5.79 -29.94
N GLN B 174 -33.97 -5.68 -28.69
CA GLN B 174 -35.14 -4.88 -28.37
C GLN B 174 -35.20 -3.49 -28.99
N ILE B 175 -36.34 -3.21 -29.62
CA ILE B 175 -36.61 -1.92 -30.23
C ILE B 175 -37.46 -1.23 -29.19
N SER B 176 -36.84 -0.25 -28.55
CA SER B 176 -37.47 0.47 -27.47
C SER B 176 -38.92 0.95 -27.61
N SER B 177 -39.35 1.37 -28.80
CA SER B 177 -40.71 1.90 -28.94
C SER B 177 -41.16 2.04 -30.39
N GLY B 178 -42.09 2.97 -30.63
CA GLY B 178 -42.60 3.20 -31.98
C GLY B 178 -41.76 4.15 -32.83
N LEU B 179 -41.05 5.08 -32.20
CA LEU B 179 -40.19 6.06 -32.91
C LEU B 179 -38.86 5.47 -33.41
N GLU B 180 -38.18 4.72 -32.54
CA GLU B 180 -36.90 4.09 -32.86
C GLU B 180 -36.99 3.22 -34.11
N ALA B 181 -38.13 2.55 -34.26
CA ALA B 181 -38.39 1.68 -35.39
C ALA B 181 -38.43 2.39 -36.75
N MET B 182 -39.31 3.37 -36.91
CA MET B 182 -39.41 4.08 -38.20
C MET B 182 -38.11 4.66 -38.67
N ALA B 183 -37.36 5.17 -37.71
CA ALA B 183 -36.06 5.77 -37.96
C ALA B 183 -35.13 4.64 -38.37
N LEU B 184 -35.24 3.50 -37.68
CA LEU B 184 -34.42 2.35 -38.00
C LEU B 184 -34.77 1.82 -39.39
N LYS B 185 -36.07 1.70 -39.64
CA LYS B 185 -36.57 1.24 -40.93
C LYS B 185 -35.93 2.16 -41.96
N SER B 186 -35.95 3.44 -41.64
CA SER B 186 -35.38 4.47 -42.47
C SER B 186 -33.96 4.07 -42.91
N THR B 187 -33.24 3.39 -42.02
CA THR B 187 -31.85 2.96 -42.28
C THR B 187 -31.60 1.59 -42.90
N ILE B 188 -32.59 0.72 -42.79
CA ILE B 188 -32.49 -0.63 -43.33
C ILE B 188 -33.25 -0.73 -44.64
N ASP B 189 -34.46 -0.18 -44.65
CA ASP B 189 -35.32 -0.16 -45.82
C ASP B 189 -34.82 0.85 -46.88
N LEU B 190 -33.73 0.48 -47.54
CA LEU B 190 -33.06 1.27 -48.57
C LEU B 190 -33.80 1.37 -49.90
N THR B 191 -34.77 0.50 -50.15
CA THR B 191 -35.52 0.50 -51.41
C THR B 191 -36.86 1.23 -51.35
N CYS B 192 -37.26 1.54 -50.11
CA CYS B 192 -38.52 2.24 -49.80
C CYS B 192 -39.74 1.47 -50.27
N ASN B 193 -39.77 0.17 -50.00
CA ASN B 193 -40.88 -0.68 -50.42
C ASN B 193 -41.52 -1.44 -49.25
N ASP B 194 -41.19 -1.00 -48.04
CA ASP B 194 -41.69 -1.60 -46.80
C ASP B 194 -41.41 -3.10 -46.68
N TYR B 195 -40.20 -3.47 -47.03
CA TYR B 195 -39.75 -4.83 -46.95
C TYR B 195 -38.29 -4.81 -46.66
N ILE B 196 -37.79 -5.96 -46.24
CA ILE B 196 -36.39 -6.10 -45.95
C ILE B 196 -35.90 -7.38 -46.66
N SER B 197 -35.12 -7.21 -47.74
CA SER B 197 -34.56 -8.34 -48.49
C SER B 197 -33.19 -8.67 -47.88
N VAL B 198 -32.63 -9.83 -48.24
CA VAL B 198 -31.34 -10.23 -47.66
C VAL B 198 -30.14 -9.34 -48.05
N PHE B 199 -30.40 -8.45 -48.99
CA PHE B 199 -29.39 -7.52 -49.49
C PHE B 199 -29.37 -6.17 -48.72
N GLU B 200 -30.54 -5.73 -48.23
CA GLU B 200 -30.63 -4.48 -47.46
C GLU B 200 -30.21 -4.78 -46.02
N PHE B 201 -30.17 -6.05 -45.67
CA PHE B 201 -29.76 -6.51 -44.32
C PHE B 201 -28.23 -6.62 -44.29
N ASP B 202 -27.68 -7.24 -45.34
CA ASP B 202 -26.23 -7.43 -45.45
C ASP B 202 -25.39 -6.15 -45.39
N ILE B 203 -25.99 -5.03 -45.76
CA ILE B 203 -25.29 -3.74 -45.71
C ILE B 203 -25.39 -3.31 -44.27
N PHE B 204 -26.64 -3.10 -43.86
CA PHE B 204 -26.95 -2.68 -42.51
C PHE B 204 -26.10 -3.48 -41.55
N THR B 205 -26.28 -4.78 -41.53
CA THR B 205 -25.51 -5.61 -40.62
C THR B 205 -24.05 -5.25 -40.71
N ARG B 206 -23.65 -4.92 -41.92
CA ARG B 206 -22.28 -4.59 -42.17
C ARG B 206 -21.85 -3.24 -41.73
N LEU B 207 -22.74 -2.26 -41.85
CA LEU B 207 -22.43 -0.89 -41.46
C LEU B 207 -22.30 -0.67 -39.91
N PHE B 208 -23.30 -1.13 -39.14
CA PHE B 208 -23.34 -0.97 -37.68
C PHE B 208 -22.93 -2.19 -36.85
N GLN B 209 -21.95 -2.97 -37.33
CA GLN B 209 -21.49 -4.14 -36.60
C GLN B 209 -20.78 -3.65 -35.33
N PRO B 210 -20.43 -4.57 -34.40
CA PRO B 210 -20.63 -6.02 -34.45
C PRO B 210 -22.07 -6.31 -34.08
N TRP B 211 -22.56 -7.45 -34.55
CA TRP B 211 -23.92 -7.88 -34.27
C TRP B 211 -24.35 -7.84 -32.82
N GLY B 212 -23.46 -8.24 -31.92
CA GLY B 212 -23.79 -8.22 -30.51
C GLY B 212 -24.44 -6.90 -30.15
N SER B 213 -23.68 -5.83 -30.25
CA SER B 213 -24.22 -4.53 -29.94
C SER B 213 -24.67 -3.84 -31.21
N ILE B 214 -25.50 -4.54 -31.99
CA ILE B 214 -26.02 -4.02 -33.24
C ILE B 214 -26.76 -2.68 -33.06
N LEU B 215 -27.95 -2.74 -32.44
CA LEU B 215 -28.78 -1.55 -32.21
C LEU B 215 -28.11 -0.46 -31.40
N ARG B 216 -27.19 -0.85 -30.52
CA ARG B 216 -26.46 0.11 -29.71
C ARG B 216 -25.61 0.94 -30.71
N ASN B 217 -24.88 0.24 -31.58
CA ASN B 217 -24.04 0.89 -32.60
C ASN B 217 -24.85 1.93 -33.38
N TRP B 218 -25.88 1.44 -34.05
CA TRP B 218 -26.78 2.25 -34.85
C TRP B 218 -27.11 3.59 -34.21
N ASN B 219 -27.40 3.56 -32.91
CA ASN B 219 -27.79 4.75 -32.16
C ASN B 219 -26.65 5.68 -31.74
N PHE B 220 -25.45 5.18 -31.47
CA PHE B 220 -24.43 6.12 -31.08
C PHE B 220 -23.56 6.59 -32.22
N LEU B 221 -23.99 6.34 -33.45
CA LEU B 221 -23.17 6.76 -34.58
C LEU B 221 -23.98 7.36 -35.71
N ALA B 222 -25.10 6.73 -35.99
CA ALA B 222 -25.95 7.15 -37.05
C ALA B 222 -27.05 8.06 -36.58
N VAL B 223 -27.45 7.90 -35.34
CA VAL B 223 -28.57 8.68 -34.84
C VAL B 223 -28.31 9.95 -34.05
N THR B 224 -27.38 9.90 -33.12
CA THR B 224 -27.08 11.04 -32.28
C THR B 224 -25.88 11.76 -32.85
N HIS B 225 -24.86 10.96 -33.08
CA HIS B 225 -23.60 11.40 -33.60
C HIS B 225 -23.79 12.42 -34.71
N PRO B 226 -23.23 13.64 -34.52
CA PRO B 226 -23.30 14.76 -35.48
C PRO B 226 -22.34 14.66 -36.68
N GLY B 227 -21.35 13.77 -36.59
CA GLY B 227 -20.40 13.60 -37.67
C GLY B 227 -20.88 12.57 -38.65
N TYR B 228 -22.11 12.09 -38.45
CA TYR B 228 -22.77 11.07 -39.30
C TYR B 228 -23.43 11.77 -40.49
N MET B 229 -23.13 11.31 -41.69
CA MET B 229 -23.63 11.99 -42.86
C MET B 229 -24.58 11.23 -43.77
N ALA B 230 -24.76 9.95 -43.54
CA ALA B 230 -25.64 9.22 -44.40
C ALA B 230 -24.93 9.20 -45.76
N PHE B 231 -25.65 9.28 -46.87
CA PHE B 231 -25.03 9.26 -48.21
C PHE B 231 -24.44 10.58 -48.69
N LEU B 232 -23.28 10.50 -49.34
CA LEU B 232 -22.61 11.69 -49.85
C LEU B 232 -21.53 11.39 -50.93
N THR B 233 -21.12 12.41 -51.69
CA THR B 233 -20.09 12.28 -52.75
C THR B 233 -18.76 12.71 -52.14
N TYR B 234 -17.62 12.21 -52.65
CA TYR B 234 -16.37 12.63 -52.02
C TYR B 234 -16.20 14.14 -52.14
N ASP B 235 -16.84 14.70 -53.15
CA ASP B 235 -16.76 16.13 -53.37
C ASP B 235 -17.35 16.90 -52.18
N GLU B 236 -18.67 16.78 -51.99
CA GLU B 236 -19.38 17.43 -50.89
C GLU B 236 -18.58 17.29 -49.60
N VAL B 237 -18.29 16.05 -49.23
CA VAL B 237 -17.50 15.81 -48.05
C VAL B 237 -16.40 16.89 -48.01
N LYS B 238 -15.60 16.95 -49.08
CA LYS B 238 -14.51 17.95 -49.18
C LYS B 238 -15.07 19.37 -49.18
N ALA B 239 -16.24 19.52 -49.79
CA ALA B 239 -16.91 20.80 -49.89
C ALA B 239 -17.31 21.22 -48.50
N ARG B 240 -17.82 20.25 -47.78
CA ARG B 240 -18.29 20.48 -46.43
C ARG B 240 -17.14 20.84 -45.50
N LEU B 241 -16.27 19.87 -45.24
CA LEU B 241 -15.11 20.05 -44.38
C LEU B 241 -14.32 21.32 -44.66
N GLN B 242 -14.28 21.77 -45.91
CA GLN B 242 -13.53 22.97 -46.29
C GLN B 242 -13.66 24.09 -45.27
N LYS B 243 -14.89 24.31 -44.80
CA LYS B 243 -15.17 25.37 -43.83
C LYS B 243 -14.20 25.29 -42.66
N TYR B 244 -13.85 24.06 -42.30
CA TYR B 244 -12.96 23.74 -41.19
C TYR B 244 -11.60 23.33 -41.69
N SER B 245 -11.02 24.12 -42.58
CA SER B 245 -9.70 23.82 -43.11
C SER B 245 -8.71 24.57 -42.27
N THR B 246 -9.25 25.49 -41.48
CA THR B 246 -8.50 26.31 -40.57
C THR B 246 -8.47 25.62 -39.19
N LYS B 247 -9.05 24.41 -39.14
CA LYS B 247 -9.14 23.59 -37.92
C LYS B 247 -8.84 22.09 -38.15
N PRO B 248 -7.56 21.72 -38.23
CA PRO B 248 -7.25 20.30 -38.43
C PRO B 248 -7.78 19.49 -37.24
N GLY B 249 -8.77 18.62 -37.49
CA GLY B 249 -9.36 17.81 -36.43
C GLY B 249 -10.83 17.51 -36.69
N SER B 250 -11.47 18.36 -37.50
CA SER B 250 -12.87 18.21 -37.85
C SER B 250 -13.01 17.12 -38.88
N TYR B 251 -13.87 16.16 -38.58
CA TYR B 251 -14.09 15.05 -39.47
C TYR B 251 -15.57 14.74 -39.51
N ILE B 252 -15.96 13.84 -40.40
CA ILE B 252 -17.35 13.42 -40.54
C ILE B 252 -17.36 12.01 -41.08
N PHE B 253 -18.53 11.51 -41.44
CA PHE B 253 -18.65 10.18 -42.04
C PHE B 253 -19.95 9.97 -42.77
N ARG B 254 -19.88 9.28 -43.89
CA ARG B 254 -21.07 9.07 -44.69
C ARG B 254 -21.19 7.66 -45.17
N LEU B 255 -22.01 7.51 -46.18
CA LEU B 255 -22.23 6.24 -46.81
C LEU B 255 -22.06 6.58 -48.26
N SER B 256 -21.57 5.63 -49.04
CA SER B 256 -21.37 5.86 -50.45
C SER B 256 -22.41 5.00 -51.12
N CYS B 257 -23.21 5.55 -52.04
CA CYS B 257 -24.24 4.75 -52.72
C CYS B 257 -23.59 3.89 -53.79
N THR B 258 -22.46 4.39 -54.29
CA THR B 258 -21.67 3.69 -55.29
C THR B 258 -21.01 2.49 -54.62
N ARG B 259 -20.89 2.54 -53.29
CA ARG B 259 -20.27 1.43 -52.54
C ARG B 259 -20.97 1.19 -51.21
N LEU B 260 -22.15 0.59 -51.27
CA LEU B 260 -22.94 0.34 -50.08
C LEU B 260 -22.31 -0.69 -49.14
N GLY B 261 -22.56 -0.49 -47.84
CA GLY B 261 -22.05 -1.38 -46.80
C GLY B 261 -20.71 -0.92 -46.28
N GLN B 262 -20.18 0.12 -46.92
CA GLN B 262 -18.87 0.68 -46.60
C GLN B 262 -18.86 2.21 -46.27
N TRP B 263 -18.30 2.53 -45.09
CA TRP B 263 -18.16 3.89 -44.61
C TRP B 263 -16.90 4.49 -45.12
N ALA B 264 -16.96 5.78 -45.40
CA ALA B 264 -15.81 6.52 -45.88
C ALA B 264 -15.60 7.61 -44.81
N ILE B 265 -14.35 7.98 -44.52
CA ILE B 265 -14.10 9.03 -43.50
C ILE B 265 -13.26 10.23 -43.97
N GLY B 266 -13.87 11.42 -43.90
CA GLY B 266 -13.16 12.61 -44.30
C GLY B 266 -12.58 13.30 -43.09
N TYR B 267 -11.58 14.14 -43.30
CA TYR B 267 -11.01 14.83 -42.17
C TYR B 267 -9.95 15.80 -42.62
N VAL B 268 -9.71 16.80 -41.79
CA VAL B 268 -8.71 17.78 -42.08
C VAL B 268 -7.45 17.46 -41.31
N THR B 269 -6.33 17.59 -42.01
CA THR B 269 -5.00 17.29 -41.52
C THR B 269 -4.28 18.50 -40.89
N GLY B 270 -3.28 18.24 -40.05
CA GLY B 270 -2.53 19.33 -39.45
C GLY B 270 -2.00 20.17 -40.59
N ASP B 271 -2.05 19.60 -41.79
CA ASP B 271 -1.60 20.27 -43.00
C ASP B 271 -2.82 21.01 -43.56
N GLY B 272 -3.90 21.01 -42.77
CA GLY B 272 -5.14 21.68 -43.13
C GLY B 272 -5.91 21.05 -44.28
N ASN B 273 -5.35 20.03 -44.92
CA ASN B 273 -6.02 19.41 -46.05
C ASN B 273 -7.16 18.50 -45.67
N ILE B 274 -7.93 18.13 -46.68
CA ILE B 274 -9.06 17.22 -46.51
C ILE B 274 -8.71 15.90 -47.15
N LEU B 275 -8.42 14.91 -46.30
CA LEU B 275 -8.07 13.60 -46.78
C LEU B 275 -9.26 12.67 -46.51
N GLN B 276 -9.16 11.43 -46.98
CA GLN B 276 -10.19 10.44 -46.78
C GLN B 276 -9.67 9.01 -46.83
N THR B 277 -10.15 8.23 -45.87
CA THR B 277 -9.75 6.84 -45.76
C THR B 277 -11.06 6.07 -45.58
N ILE B 278 -10.94 4.75 -45.46
CA ILE B 278 -12.07 3.86 -45.24
C ILE B 278 -11.49 2.66 -44.46
N PRO B 279 -12.32 1.94 -43.67
CA PRO B 279 -11.88 0.78 -42.88
C PRO B 279 -11.49 -0.48 -43.69
N LYS B 282 -12.40 -3.69 -39.42
CA LYS B 282 -12.75 -2.82 -38.29
C LYS B 282 -14.06 -2.05 -38.53
N PRO B 283 -15.05 -2.23 -37.64
CA PRO B 283 -16.33 -1.55 -37.76
C PRO B 283 -16.09 -0.06 -37.63
N LEU B 284 -17.12 0.75 -37.76
CA LEU B 284 -16.90 2.18 -37.61
C LEU B 284 -16.60 2.66 -36.19
N PHE B 285 -17.30 2.10 -35.20
CA PHE B 285 -17.08 2.50 -33.83
C PHE B 285 -15.61 2.41 -33.43
N GLN B 286 -14.94 1.31 -33.77
CA GLN B 286 -13.54 1.19 -33.41
C GLN B 286 -12.80 2.28 -34.20
N ALA B 287 -12.84 2.18 -35.52
CA ALA B 287 -12.18 3.14 -36.40
C ALA B 287 -12.20 4.57 -35.84
N LEU B 288 -13.34 5.05 -35.37
CA LEU B 288 -13.41 6.41 -34.83
C LEU B 288 -12.65 6.53 -33.52
N ILE B 289 -12.60 5.43 -32.77
CA ILE B 289 -11.90 5.38 -31.47
C ILE B 289 -10.37 5.45 -31.58
N ASP B 290 -9.79 4.85 -32.62
CA ASP B 290 -8.35 4.88 -32.83
C ASP B 290 -8.04 6.22 -33.50
N GLY B 291 -8.85 6.61 -34.47
CA GLY B 291 -8.63 7.88 -35.13
C GLY B 291 -8.74 9.02 -34.13
N SER B 292 -9.32 8.74 -32.97
CA SER B 292 -9.44 9.73 -31.91
C SER B 292 -8.10 9.77 -31.14
N ARG B 293 -7.62 8.58 -30.76
CA ARG B 293 -6.33 8.39 -30.04
C ARG B 293 -5.21 8.99 -30.84
N GLU B 294 -4.92 8.33 -31.92
CA GLU B 294 -3.91 8.82 -32.75
C GLU B 294 -3.94 10.38 -32.95
N GLY B 295 -5.14 10.94 -32.72
CA GLY B 295 -5.59 12.35 -32.93
C GLY B 295 -6.00 12.94 -34.33
N PHE B 296 -6.72 12.17 -35.16
CA PHE B 296 -7.08 12.68 -36.52
C PHE B 296 -8.59 13.00 -36.49
N TYR B 297 -9.33 12.21 -35.71
CA TYR B 297 -10.76 12.47 -35.54
C TYR B 297 -11.05 13.09 -34.18
N LEU B 298 -10.90 14.41 -34.14
CA LEU B 298 -11.11 15.16 -32.92
C LEU B 298 -12.41 15.99 -32.87
N TYR B 299 -12.73 16.66 -33.97
CA TYR B 299 -13.94 17.47 -34.05
C TYR B 299 -14.90 16.97 -35.13
N PRO B 300 -15.95 16.25 -34.71
CA PRO B 300 -16.98 15.69 -35.59
C PRO B 300 -17.93 16.79 -36.02
N ASP B 301 -17.70 17.26 -37.25
CA ASP B 301 -18.49 18.31 -37.89
C ASP B 301 -18.07 19.68 -37.36
N GLY B 302 -16.77 19.82 -37.12
CA GLY B 302 -16.25 21.07 -36.62
C GLY B 302 -16.71 21.32 -35.20
N ARG B 303 -17.58 20.45 -34.69
CA ARG B 303 -18.09 20.57 -33.33
C ARG B 303 -17.06 20.27 -32.28
N SER B 304 -17.07 21.10 -31.23
CA SER B 304 -16.14 20.99 -30.12
C SER B 304 -16.11 19.60 -29.45
N TYR B 305 -17.23 19.16 -28.87
CA TYR B 305 -17.31 17.86 -28.21
C TYR B 305 -17.41 16.63 -29.12
N ASN B 306 -16.59 15.61 -28.83
CA ASN B 306 -16.52 14.30 -29.54
C ASN B 306 -16.68 13.19 -28.47
N PRO B 307 -17.83 12.51 -28.44
CA PRO B 307 -18.07 11.45 -27.46
C PRO B 307 -17.35 10.15 -27.77
N GLU B 326 -37.60 12.72 -29.64
CA GLU B 326 -37.29 13.87 -30.47
C GLU B 326 -36.17 13.49 -31.41
N GLN B 327 -35.32 12.57 -30.95
CA GLN B 327 -34.16 12.11 -31.70
C GLN B 327 -34.54 11.31 -32.93
N TYR B 328 -35.58 10.49 -32.81
CA TYR B 328 -36.01 9.67 -33.93
C TYR B 328 -36.70 10.50 -35.01
N GLU B 329 -37.26 11.65 -34.61
CA GLU B 329 -37.94 12.54 -35.54
C GLU B 329 -36.92 13.21 -36.45
N LEU B 330 -35.88 13.73 -35.82
CA LEU B 330 -34.81 14.42 -36.53
C LEU B 330 -34.08 13.44 -37.46
N TYR B 331 -33.96 12.17 -37.05
CA TYR B 331 -33.30 11.18 -37.90
C TYR B 331 -33.99 11.06 -39.23
N CYS B 332 -35.30 10.82 -39.16
CA CYS B 332 -36.12 10.72 -40.35
C CYS B 332 -35.96 12.00 -41.18
N GLU B 333 -36.04 13.16 -40.51
CA GLU B 333 -35.90 14.46 -41.16
C GLU B 333 -34.43 14.81 -41.35
N ARG C 11 20.26 14.48 30.11
CA ARG C 11 18.90 13.88 29.94
C ARG C 11 18.96 12.88 28.81
N ARG C 12 19.61 13.30 27.72
CA ARG C 12 19.79 12.48 26.52
C ARG C 12 20.32 11.10 26.92
N THR C 13 21.48 11.14 27.56
CA THR C 13 22.14 9.94 28.03
C THR C 13 21.27 9.21 29.06
N VAL C 14 20.49 9.95 29.85
CA VAL C 14 19.63 9.30 30.86
C VAL C 14 18.33 8.67 30.31
N GLU C 15 17.78 9.25 29.23
CA GLU C 15 16.58 8.67 28.62
C GLU C 15 17.05 7.27 28.22
N LYS C 16 18.26 7.26 27.64
CA LYS C 16 18.98 6.08 27.16
C LYS C 16 19.35 5.18 28.36
N THR C 17 19.83 5.79 29.45
CA THR C 17 20.19 5.03 30.66
C THR C 17 18.99 4.24 31.10
N TRP C 18 17.83 4.85 30.96
CA TRP C 18 16.57 4.21 31.32
C TRP C 18 16.25 3.07 30.38
N LYS C 19 16.33 3.39 29.10
CA LYS C 19 16.03 2.45 28.04
C LYS C 19 16.55 1.05 28.35
N LEU C 20 17.87 0.92 28.50
CA LEU C 20 18.47 -0.37 28.82
C LEU C 20 17.79 -1.06 29.99
N MET C 21 17.59 -0.28 31.06
CA MET C 21 16.93 -0.74 32.29
C MET C 21 15.55 -1.30 32.06
N ASP C 22 14.69 -0.46 31.50
CA ASP C 22 13.31 -0.88 31.19
C ASP C 22 13.45 -2.29 30.65
N LYS C 23 14.45 -2.46 29.78
CA LYS C 23 14.78 -3.72 29.12
C LYS C 23 15.24 -4.80 30.10
N VAL C 24 16.23 -4.50 30.93
CA VAL C 24 16.72 -5.48 31.91
C VAL C 24 15.57 -6.01 32.78
N VAL C 25 14.76 -5.09 33.30
CA VAL C 25 13.59 -5.41 34.14
C VAL C 25 12.66 -6.42 33.46
N ARG C 26 12.61 -6.36 32.12
CA ARG C 26 11.76 -7.25 31.32
C ARG C 26 12.37 -8.66 31.22
N LEU C 27 13.69 -8.74 31.00
CA LEU C 27 14.38 -10.04 30.89
C LEU C 27 14.32 -10.82 32.22
N CYS C 28 14.04 -10.08 33.30
CA CYS C 28 13.93 -10.62 34.65
C CYS C 28 12.54 -11.10 35.02
N GLN C 29 11.51 -10.36 34.65
CA GLN C 29 10.15 -10.76 34.97
C GLN C 29 9.87 -12.14 34.39
N ASN C 30 10.84 -12.63 33.61
CA ASN C 30 10.77 -13.94 32.98
C ASN C 30 10.55 -15.03 34.04
N PRO C 31 9.38 -15.71 33.99
CA PRO C 31 8.95 -16.78 34.90
C PRO C 31 9.95 -17.94 35.11
N LYS C 32 10.48 -18.49 34.02
CA LYS C 32 11.44 -19.61 34.09
C LYS C 32 12.60 -19.31 35.08
N LEU C 33 12.85 -18.02 35.32
CA LEU C 33 13.92 -17.54 36.21
C LEU C 33 13.70 -17.90 37.67
N GLN C 34 12.44 -17.74 38.10
CA GLN C 34 11.99 -17.97 39.48
C GLN C 34 12.83 -17.19 40.50
N LEU C 35 13.13 -15.94 40.14
CA LEU C 35 13.93 -15.04 40.95
C LEU C 35 13.44 -14.95 42.39
N LYS C 36 14.38 -14.67 43.30
CA LYS C 36 14.12 -14.55 44.73
C LYS C 36 14.07 -13.07 45.10
N ASN C 37 12.88 -12.63 45.51
CA ASN C 37 12.62 -11.26 45.92
C ASN C 37 13.63 -10.93 46.99
N SER C 38 14.19 -12.01 47.52
CA SER C 38 15.21 -11.95 48.56
C SER C 38 16.25 -10.97 48.08
N PRO C 39 16.54 -9.98 48.91
CA PRO C 39 17.53 -8.97 48.57
C PRO C 39 18.81 -9.64 48.05
N PRO C 40 19.41 -9.08 47.00
CA PRO C 40 18.92 -7.87 46.35
C PRO C 40 17.83 -8.21 45.35
N TYR C 41 16.64 -7.64 45.54
CA TYR C 41 15.53 -7.87 44.63
C TYR C 41 15.76 -6.95 43.41
N ILE C 42 16.17 -7.54 42.29
CA ILE C 42 16.46 -6.77 41.08
C ILE C 42 15.24 -6.27 40.32
N LEU C 43 14.06 -6.59 40.81
CA LEU C 43 12.85 -6.13 40.17
C LEU C 43 12.32 -4.89 40.89
N ASP C 44 12.81 -4.65 42.09
CA ASP C 44 12.38 -3.48 42.84
C ASP C 44 13.46 -2.41 42.82
N ILE C 45 14.71 -2.84 43.00
CA ILE C 45 15.83 -1.91 43.03
C ILE C 45 15.91 -1.04 41.75
N LEU C 46 15.68 -1.63 40.57
CA LEU C 46 15.77 -0.88 39.31
C LEU C 46 14.73 0.24 39.09
N PRO C 47 13.44 -0.07 39.35
CA PRO C 47 12.36 0.91 39.20
C PRO C 47 12.53 2.13 40.12
N ASP C 48 12.88 1.87 41.38
CA ASP C 48 13.11 2.93 42.37
C ASP C 48 14.25 3.85 41.93
N THR C 49 15.25 3.26 41.26
CA THR C 49 16.42 3.98 40.74
C THR C 49 15.86 5.01 39.77
N TYR C 50 15.26 4.47 38.72
CA TYR C 50 14.60 5.23 37.70
C TYR C 50 13.85 6.37 38.45
N GLN C 51 12.95 6.02 39.40
CA GLN C 51 12.19 7.03 40.17
C GLN C 51 13.06 8.18 40.62
N HIS C 52 14.03 7.86 41.48
CA HIS C 52 14.93 8.85 42.02
C HIS C 52 15.56 9.61 40.85
N LEU C 53 16.09 8.90 39.85
CA LEU C 53 16.70 9.62 38.72
C LEU C 53 15.80 10.79 38.34
N ARG C 54 14.48 10.56 38.37
CA ARG C 54 13.53 11.61 38.03
C ARG C 54 13.54 12.73 39.08
N LEU C 55 13.39 12.37 40.36
CA LEU C 55 13.38 13.37 41.44
C LEU C 55 14.54 14.34 41.29
N ILE C 56 15.71 13.80 40.97
CA ILE C 56 16.90 14.61 40.79
C ILE C 56 16.73 15.44 39.53
N LEU C 57 16.14 14.84 38.51
CA LEU C 57 15.91 15.51 37.23
C LEU C 57 15.04 16.73 37.40
N SER C 58 13.93 16.53 38.11
CA SER C 58 12.99 17.60 38.39
C SER C 58 13.75 18.78 39.01
N LYS C 59 14.45 18.52 40.11
CA LYS C 59 15.23 19.55 40.83
C LYS C 59 16.22 20.31 39.96
N TYR C 60 17.01 19.54 39.20
CA TYR C 60 18.03 20.06 38.31
C TYR C 60 17.44 20.70 37.05
N ALA C 67 22.12 23.29 33.92
CA ALA C 67 23.32 22.74 33.31
C ALA C 67 24.41 22.28 34.29
N GLN C 68 24.29 22.79 35.53
CA GLN C 68 25.20 22.46 36.65
C GLN C 68 25.29 20.92 36.82
N LEU C 69 24.12 20.26 36.76
CA LEU C 69 24.07 18.82 36.94
C LEU C 69 24.83 18.03 35.88
N SER C 70 24.59 18.36 34.61
CA SER C 70 25.27 17.68 33.52
C SER C 70 26.78 17.78 33.71
N GLU C 71 27.24 18.86 34.33
CA GLU C 71 28.65 19.01 34.60
C GLU C 71 29.06 18.04 35.71
N ASN C 72 28.22 17.89 36.75
CA ASN C 72 28.50 16.99 37.91
C ASN C 72 29.40 15.78 37.58
N GLU C 73 30.64 15.78 38.07
CA GLU C 73 31.58 14.67 37.82
C GLU C 73 31.10 13.32 38.32
N TYR C 74 30.66 13.29 39.57
CA TYR C 74 30.16 12.08 40.18
C TYR C 74 28.95 11.63 39.37
N PHE C 75 28.09 12.58 39.03
CA PHE C 75 26.92 12.23 38.29
C PHE C 75 27.35 11.60 36.98
N LYS C 76 28.24 12.30 36.26
CA LYS C 76 28.73 11.80 35.00
C LYS C 76 29.10 10.33 35.15
N ILE C 77 29.93 10.03 36.16
CA ILE C 77 30.39 8.66 36.39
C ILE C 77 29.28 7.70 36.84
N TYR C 78 28.37 8.17 37.68
CA TYR C 78 27.28 7.33 38.15
C TYR C 78 26.44 6.93 36.97
N ILE C 79 26.25 7.90 36.07
CA ILE C 79 25.46 7.74 34.87
C ILE C 79 26.07 6.65 34.00
N ASP C 80 27.34 6.84 33.64
CA ASP C 80 28.06 5.89 32.81
C ASP C 80 28.20 4.53 33.49
N SER C 81 28.38 4.55 34.81
CA SER C 81 28.53 3.32 35.56
C SER C 81 27.26 2.51 35.41
N LEU C 82 26.14 3.21 35.44
CA LEU C 82 24.86 2.56 35.34
C LEU C 82 24.60 2.02 33.97
N MET C 83 25.04 2.74 32.95
CA MET C 83 24.82 2.28 31.59
C MET C 83 25.69 1.06 31.33
N LYS C 84 26.96 1.13 31.74
CA LYS C 84 27.95 0.05 31.58
C LYS C 84 27.55 -1.18 32.42
N LYS C 85 26.93 -0.91 33.56
CA LYS C 85 26.46 -1.97 34.41
C LYS C 85 25.21 -2.49 33.69
N SER C 86 24.38 -1.55 33.23
CA SER C 86 23.15 -1.89 32.49
C SER C 86 23.39 -2.97 31.44
N LYS C 87 24.25 -2.65 30.47
CA LYS C 87 24.55 -3.54 29.35
C LYS C 87 25.13 -4.94 29.57
N ARG C 88 26.03 -5.11 30.53
CA ARG C 88 26.63 -6.43 30.76
C ARG C 88 25.58 -7.48 31.09
N ALA C 89 24.50 -7.02 31.74
CA ALA C 89 23.40 -7.89 32.12
C ALA C 89 22.67 -8.39 30.88
N ILE C 90 22.33 -7.46 30.00
CA ILE C 90 21.66 -7.79 28.75
C ILE C 90 22.56 -8.81 28.07
N ARG C 91 23.82 -8.42 27.84
CA ARG C 91 24.81 -9.32 27.22
C ARG C 91 24.87 -10.62 28.01
N LEU C 92 24.70 -10.51 29.32
CA LEU C 92 24.72 -11.69 30.19
C LEU C 92 23.57 -12.59 29.81
N PHE C 93 22.38 -12.01 29.72
CA PHE C 93 21.22 -12.79 29.33
C PHE C 93 21.40 -13.27 27.89
N LYS C 94 22.34 -12.62 27.20
CA LYS C 94 22.63 -12.94 25.80
C LYS C 94 23.53 -14.19 25.60
N GLU C 95 24.64 -14.30 26.34
CA GLU C 95 25.51 -15.46 26.19
C GLU C 95 25.20 -16.61 27.16
N GLY C 96 24.47 -16.33 28.24
CA GLY C 96 24.15 -17.37 29.22
C GLY C 96 23.19 -18.46 28.74
N LYS C 97 22.12 -18.02 28.06
CA LYS C 97 21.08 -18.89 27.49
C LYS C 97 20.17 -19.65 28.47
N GLU C 98 19.93 -20.92 28.12
CA GLU C 98 19.11 -21.84 28.90
C GLU C 98 19.64 -21.90 30.31
N ARG C 99 20.94 -21.84 30.42
CA ARG C 99 21.59 -21.88 31.71
C ARG C 99 20.95 -20.91 32.73
N MET C 100 20.31 -19.85 32.25
CA MET C 100 19.67 -18.88 33.12
C MET C 100 18.51 -19.31 34.08
N TYR C 101 17.92 -20.50 33.84
CA TYR C 101 16.78 -21.01 34.67
C TYR C 101 17.08 -22.33 35.37
N GLN C 106 26.83 -20.82 36.78
CA GLN C 106 27.69 -19.63 36.91
C GLN C 106 27.07 -18.35 36.31
N ASP C 107 26.44 -18.47 35.13
CA ASP C 107 25.81 -17.32 34.47
C ASP C 107 24.87 -16.59 35.43
N ARG C 108 24.11 -17.37 36.17
CA ARG C 108 23.13 -16.87 37.14
C ARG C 108 23.71 -16.27 38.43
N ARG C 109 24.84 -16.80 38.90
CA ARG C 109 25.45 -16.28 40.14
C ARG C 109 25.84 -14.81 39.93
N ASN C 110 26.33 -14.52 38.73
CA ASN C 110 26.71 -13.16 38.38
C ASN C 110 25.51 -12.26 38.63
N LEU C 111 24.36 -12.64 38.04
CA LEU C 111 23.08 -11.92 38.20
C LEU C 111 22.97 -11.43 39.61
N THR C 112 23.35 -12.30 40.52
CA THR C 112 23.29 -11.95 41.92
C THR C 112 24.40 -10.92 42.18
N LYS C 113 25.62 -11.25 41.75
CA LYS C 113 26.75 -10.33 41.90
C LYS C 113 26.33 -8.92 41.52
N LEU C 114 25.73 -8.85 40.34
CA LEU C 114 25.26 -7.61 39.78
C LEU C 114 24.10 -7.15 40.63
N SER C 115 23.12 -8.01 40.84
CA SER C 115 21.94 -7.66 41.65
C SER C 115 22.39 -6.97 42.91
N LEU C 116 23.47 -7.50 43.42
CA LEU C 116 24.08 -6.98 44.61
C LEU C 116 24.55 -5.57 44.32
N ILE C 117 25.46 -5.44 43.36
CA ILE C 117 26.03 -4.14 42.99
C ILE C 117 24.95 -3.10 42.74
N PHE C 118 23.96 -3.46 41.94
CA PHE C 118 22.89 -2.52 41.66
C PHE C 118 22.22 -2.16 42.96
N SER C 119 22.01 -3.16 43.82
CA SER C 119 21.41 -2.89 45.11
C SER C 119 22.19 -1.72 45.68
N HIS C 120 23.50 -1.89 45.67
CA HIS C 120 24.45 -0.92 46.21
C HIS C 120 24.47 0.48 45.57
N MET C 121 24.43 0.57 44.24
CA MET C 121 24.43 1.88 43.57
C MET C 121 23.23 2.72 43.95
N LEU C 122 22.16 2.02 44.31
CA LEU C 122 20.91 2.62 44.72
C LEU C 122 21.19 3.54 45.90
N ALA C 123 21.64 2.98 47.01
CA ALA C 123 21.94 3.77 48.20
C ALA C 123 22.85 4.94 47.89
N GLU C 124 23.98 4.67 47.24
CA GLU C 124 24.92 5.72 46.94
C GLU C 124 24.25 6.91 46.28
N ILE C 125 23.63 6.69 45.12
CA ILE C 125 22.99 7.80 44.47
C ILE C 125 22.08 8.50 45.50
N LYS C 126 21.34 7.72 46.28
CA LYS C 126 20.45 8.30 47.29
C LYS C 126 21.20 9.17 48.26
N ALA C 127 22.06 8.53 49.05
CA ALA C 127 22.86 9.22 50.05
C ALA C 127 23.53 10.46 49.47
N ILE C 128 24.01 10.37 48.22
CA ILE C 128 24.66 11.50 47.55
C ILE C 128 23.66 12.54 47.09
N PHE C 129 22.48 12.08 46.69
CA PHE C 129 21.46 13.02 46.26
C PHE C 129 20.22 12.85 47.13
N PRO C 130 20.38 12.99 48.44
CA PRO C 130 19.21 12.82 49.31
C PRO C 130 18.09 13.80 48.94
N ASN C 131 16.90 13.27 48.64
CA ASN C 131 15.75 14.10 48.30
C ASN C 131 15.95 14.85 46.99
N GLY C 132 16.78 14.31 46.11
CA GLY C 132 16.97 14.96 44.83
C GLY C 132 18.15 15.91 44.63
N GLN C 133 18.64 16.53 45.71
CA GLN C 133 19.75 17.47 45.56
C GLN C 133 21.13 16.88 45.80
N PHE C 134 22.14 17.58 45.29
CA PHE C 134 23.51 17.15 45.44
C PHE C 134 24.12 17.66 46.73
N GLN C 135 24.43 16.75 47.64
CA GLN C 135 24.99 17.12 48.93
C GLN C 135 26.29 16.38 49.25
N GLY C 136 27.02 15.95 48.22
CA GLY C 136 28.29 15.22 48.39
C GLY C 136 29.51 15.99 48.88
N ASP C 137 29.52 17.31 48.67
CA ASP C 137 30.59 18.19 49.12
C ASP C 137 30.44 18.32 50.64
N ASN C 138 29.24 17.98 51.11
CA ASN C 138 28.89 18.02 52.52
C ASN C 138 28.40 16.63 52.95
N PHE C 139 29.31 15.66 53.02
CA PHE C 139 28.96 14.30 53.43
C PHE C 139 29.42 13.97 54.85
N ARG C 140 28.46 13.68 55.72
CA ARG C 140 28.79 13.33 57.10
C ARG C 140 29.45 11.95 57.11
N ILE C 141 30.75 11.90 57.40
CA ILE C 141 31.45 10.63 57.50
C ILE C 141 31.53 10.26 58.98
N THR C 142 30.76 9.25 59.34
CA THR C 142 30.67 8.74 60.70
C THR C 142 31.93 8.81 61.57
N LYS C 143 32.88 7.91 61.33
CA LYS C 143 34.13 7.82 62.10
C LYS C 143 35.08 9.02 62.02
N ALA C 144 35.33 9.65 63.18
CA ALA C 144 36.19 10.81 63.23
C ALA C 144 37.50 10.70 62.48
N ASP C 145 38.37 9.79 62.90
CA ASP C 145 39.67 9.66 62.24
C ASP C 145 39.64 9.43 60.75
N ALA C 146 38.59 8.78 60.28
CA ALA C 146 38.44 8.50 58.88
C ALA C 146 38.33 9.78 58.09
N ALA C 147 37.36 10.59 58.51
CA ALA C 147 37.07 11.88 57.91
C ALA C 147 38.26 12.85 57.85
N GLU C 148 38.85 13.20 59.00
CA GLU C 148 40.01 14.09 59.03
C GLU C 148 40.98 13.58 57.96
N PHE C 149 41.23 12.27 57.95
CA PHE C 149 42.10 11.70 56.94
C PHE C 149 41.57 12.14 55.59
N TRP C 150 40.28 11.87 55.34
CA TRP C 150 39.67 12.26 54.07
C TRP C 150 39.70 13.75 53.77
N ARG C 151 39.40 14.60 54.75
CA ARG C 151 39.38 16.07 54.59
C ARG C 151 40.82 16.53 54.39
N LYS C 152 41.76 15.85 55.05
CA LYS C 152 43.16 16.14 54.92
C LYS C 152 43.68 15.92 53.51
N PHE C 153 43.24 14.87 52.87
CA PHE C 153 43.73 14.55 51.52
C PHE C 153 42.72 14.86 50.38
N PHE C 154 41.44 14.67 50.62
CA PHE C 154 40.52 14.92 49.54
C PHE C 154 39.61 16.12 49.72
N GLY C 155 39.65 16.79 50.86
CA GLY C 155 38.77 17.94 50.98
C GLY C 155 37.33 17.70 50.56
N ASP C 156 36.71 18.72 49.98
CA ASP C 156 35.32 18.68 49.55
C ASP C 156 35.03 17.74 48.39
N LYS C 157 35.98 16.91 48.00
CA LYS C 157 35.71 16.01 46.89
C LYS C 157 34.53 15.10 47.23
N THR C 158 34.15 14.30 46.25
CA THR C 158 33.01 13.38 46.37
C THR C 158 33.23 12.01 45.71
N ILE C 159 34.23 11.91 44.85
CA ILE C 159 34.56 10.65 44.20
C ILE C 159 36.00 10.76 43.76
N VAL C 160 36.77 9.78 44.17
CA VAL C 160 38.17 9.78 43.83
C VAL C 160 38.57 8.46 43.16
N PRO C 161 39.37 8.55 42.09
CA PRO C 161 39.81 7.36 41.37
C PRO C 161 40.47 6.38 42.32
N TRP C 162 40.63 5.13 41.89
CA TRP C 162 41.21 4.13 42.76
C TRP C 162 42.70 4.26 43.09
N LYS C 163 43.57 4.19 42.08
CA LYS C 163 45.03 4.24 42.27
C LYS C 163 45.48 5.46 43.06
N VAL C 164 44.82 6.59 42.77
CA VAL C 164 45.06 7.86 43.43
C VAL C 164 44.60 7.75 44.87
N PHE C 165 43.50 7.04 45.10
CA PHE C 165 43.04 6.88 46.45
C PHE C 165 43.98 5.94 47.22
N ARG C 166 44.40 4.86 46.55
CA ARG C 166 45.31 3.85 47.11
C ARG C 166 46.69 4.38 47.47
N GLN C 167 47.20 5.27 46.61
CA GLN C 167 48.49 5.87 46.87
C GLN C 167 48.33 6.60 48.18
N CYS C 168 47.22 7.33 48.28
CA CYS C 168 46.90 8.14 49.44
C CYS C 168 47.05 7.44 50.80
N LEU C 169 46.04 6.65 51.18
CA LEU C 169 45.99 5.90 52.45
C LEU C 169 47.28 5.16 52.76
N HIS C 170 48.01 4.80 51.71
CA HIS C 170 49.27 4.09 51.81
C HIS C 170 50.28 5.02 52.46
N GLU C 171 50.16 6.30 52.17
CA GLU C 171 51.03 7.28 52.78
C GLU C 171 50.75 7.19 54.24
N VAL C 172 49.58 6.63 54.53
CA VAL C 172 49.11 6.45 55.89
C VAL C 172 49.12 4.96 56.27
N HIS C 173 48.23 4.17 55.69
CA HIS C 173 48.19 2.73 55.96
C HIS C 173 48.84 2.00 54.78
N GLN C 174 50.16 1.76 54.87
CA GLN C 174 50.89 1.09 53.81
C GLN C 174 50.31 -0.25 53.37
N ILE C 175 50.27 -0.41 52.05
CA ILE C 175 49.77 -1.60 51.37
C ILE C 175 50.95 -2.47 50.95
N SER C 176 51.24 -3.48 51.78
CA SER C 176 52.34 -4.40 51.56
C SER C 176 52.60 -4.65 50.09
N SER C 177 51.53 -4.96 49.35
CA SER C 177 51.65 -5.28 47.93
C SER C 177 50.42 -5.08 47.03
N GLY C 178 50.65 -5.15 45.73
CA GLY C 178 49.57 -5.02 44.77
C GLY C 178 48.47 -6.07 44.89
N LEU C 179 48.75 -7.23 45.49
CA LEU C 179 47.73 -8.30 45.65
C LEU C 179 46.77 -7.82 46.72
N GLU C 180 47.34 -7.46 47.85
CA GLU C 180 46.58 -6.95 48.96
C GLU C 180 45.70 -5.79 48.48
N ALA C 181 46.28 -4.90 47.69
CA ALA C 181 45.55 -3.73 47.16
C ALA C 181 44.23 -4.12 46.51
N MET C 182 44.28 -4.78 45.36
CA MET C 182 43.06 -5.19 44.65
C MET C 182 42.09 -5.88 45.56
N ALA C 183 42.62 -6.76 46.42
CA ALA C 183 41.80 -7.49 47.37
C ALA C 183 41.10 -6.47 48.25
N LEU C 184 41.82 -5.39 48.55
CA LEU C 184 41.25 -4.34 49.37
C LEU C 184 40.27 -3.57 48.50
N LYS C 185 40.68 -3.32 47.26
CA LYS C 185 39.87 -2.61 46.25
C LYS C 185 38.50 -3.25 46.23
N SER C 186 38.53 -4.57 46.27
CA SER C 186 37.34 -5.37 46.24
C SER C 186 36.37 -4.99 47.35
N THR C 187 36.86 -4.95 48.58
CA THR C 187 36.02 -4.63 49.72
C THR C 187 35.50 -3.21 49.77
N ILE C 188 36.31 -2.28 49.28
CA ILE C 188 35.93 -0.89 49.29
C ILE C 188 35.11 -0.54 48.06
N ASP C 189 35.51 -1.13 46.93
CA ASP C 189 34.86 -0.92 45.62
C ASP C 189 33.53 -1.69 45.49
N LEU C 190 32.48 -1.15 46.11
CA LEU C 190 31.14 -1.72 46.09
C LEU C 190 30.45 -1.64 44.73
N THR C 191 30.43 -0.44 44.15
CA THR C 191 29.82 -0.20 42.84
C THR C 191 30.55 -0.96 41.73
N CYS C 192 31.88 -0.93 41.82
CA CYS C 192 32.78 -1.60 40.89
C CYS C 192 32.92 -0.88 39.55
N ASN C 193 33.40 0.36 39.63
CA ASN C 193 33.62 1.21 38.47
C ASN C 193 35.05 1.72 38.55
N ASP C 194 35.78 1.25 39.56
CA ASP C 194 37.17 1.63 39.82
C ASP C 194 37.30 3.06 40.34
N TYR C 195 36.35 3.44 41.20
CA TYR C 195 36.26 4.76 41.83
C TYR C 195 35.79 4.62 43.28
N ILE C 196 36.39 5.39 44.18
CA ILE C 196 36.00 5.37 45.58
C ILE C 196 35.40 6.72 45.97
N SER C 197 34.11 6.70 46.27
CA SER C 197 33.42 7.91 46.67
C SER C 197 33.51 8.03 48.20
N VAL C 198 32.97 9.12 48.74
CA VAL C 198 32.97 9.38 50.19
C VAL C 198 32.01 8.44 50.95
N PHE C 199 31.02 7.93 50.21
CA PHE C 199 30.02 6.99 50.73
C PHE C 199 30.67 5.64 50.99
N GLU C 200 31.26 5.04 49.96
CA GLU C 200 31.93 3.75 50.08
C GLU C 200 33.03 3.86 51.14
N PHE C 201 33.79 4.95 51.11
CA PHE C 201 34.84 5.16 52.11
C PHE C 201 34.21 5.06 53.49
N ASP C 202 33.34 6.02 53.82
CA ASP C 202 32.64 6.07 55.10
C ASP C 202 32.20 4.71 55.58
N ILE C 203 31.53 4.01 54.69
CA ILE C 203 31.02 2.66 54.94
C ILE C 203 32.15 1.71 55.30
N PHE C 204 33.16 1.62 54.43
CA PHE C 204 34.29 0.75 54.70
C PHE C 204 34.88 1.04 56.08
N THR C 205 35.03 2.32 56.40
CA THR C 205 35.60 2.75 57.66
C THR C 205 34.89 2.30 58.92
N ARG C 206 33.58 2.22 58.87
CA ARG C 206 32.82 1.81 60.04
C ARG C 206 32.88 0.32 60.30
N LEU C 207 32.85 -0.45 59.22
CA LEU C 207 32.92 -1.91 59.28
C LEU C 207 34.16 -2.43 60.01
N PHE C 208 35.32 -2.05 59.50
CA PHE C 208 36.59 -2.50 60.06
C PHE C 208 37.27 -1.52 61.00
N GLN C 209 36.47 -0.71 61.71
CA GLN C 209 37.01 0.25 62.65
C GLN C 209 37.73 -0.53 63.75
N PRO C 210 38.68 0.13 64.47
CA PRO C 210 39.02 1.57 64.37
C PRO C 210 40.05 1.99 63.29
N TRP C 211 40.03 3.28 62.94
CA TRP C 211 40.94 3.84 61.92
C TRP C 211 42.44 3.49 61.95
N GLY C 212 43.20 4.04 62.90
CA GLY C 212 44.63 3.74 62.96
C GLY C 212 45.09 2.35 62.56
N SER C 213 44.48 1.33 63.17
CA SER C 213 44.81 -0.06 62.84
C SER C 213 43.89 -0.49 61.69
N ILE C 214 43.49 0.49 60.89
CA ILE C 214 42.59 0.29 59.74
C ILE C 214 42.84 -0.99 58.97
N LEU C 215 43.88 -0.99 58.13
CA LEU C 215 44.20 -2.16 57.32
C LEU C 215 44.41 -3.38 58.18
N ARG C 216 44.79 -3.19 59.43
CA ARG C 216 44.98 -4.32 60.32
C ARG C 216 43.69 -5.12 60.43
N ASN C 217 42.59 -4.43 60.78
CA ASN C 217 41.28 -5.07 60.95
C ASN C 217 40.83 -5.91 59.77
N TRP C 218 41.01 -5.37 58.56
CA TRP C 218 40.60 -6.02 57.32
C TRP C 218 41.21 -7.40 56.94
N ASN C 219 42.51 -7.60 57.15
CA ASN C 219 43.13 -8.87 56.82
C ASN C 219 42.70 -9.97 57.80
N PHE C 220 42.72 -9.67 59.10
CA PHE C 220 42.36 -10.63 60.14
C PHE C 220 40.88 -10.95 60.23
N LEU C 221 40.05 -9.95 60.07
CA LEU C 221 38.63 -10.17 60.20
C LEU C 221 37.98 -10.69 58.96
N ALA C 222 38.26 -10.04 57.84
CA ALA C 222 37.64 -10.41 56.59
C ALA C 222 38.53 -11.13 55.58
N VAL C 223 39.84 -11.04 55.72
CA VAL C 223 40.69 -11.68 54.73
C VAL C 223 41.19 -13.09 55.06
N THR C 224 41.24 -13.44 56.34
CA THR C 224 41.74 -14.76 56.70
C THR C 224 40.84 -15.47 57.67
N HIS C 225 39.99 -14.72 58.33
CA HIS C 225 39.10 -15.28 59.31
C HIS C 225 38.11 -16.18 58.56
N PRO C 226 37.82 -17.37 59.13
CA PRO C 226 36.89 -18.34 58.53
C PRO C 226 35.43 -17.95 58.71
N GLY C 227 35.16 -17.20 59.77
CA GLY C 227 33.81 -16.75 60.06
C GLY C 227 33.37 -15.59 59.20
N TYR C 228 34.31 -14.95 58.49
CA TYR C 228 33.94 -13.85 57.59
C TYR C 228 33.17 -14.42 56.41
N MET C 229 31.98 -13.87 56.11
CA MET C 229 31.07 -14.37 55.06
C MET C 229 30.55 -13.43 53.93
N ALA C 230 31.23 -12.31 53.71
CA ALA C 230 30.78 -11.35 52.70
C ALA C 230 29.27 -11.05 52.96
N PHE C 231 28.56 -10.71 51.90
CA PHE C 231 27.13 -10.37 51.96
C PHE C 231 26.25 -11.62 52.06
N LEU C 232 25.13 -11.47 52.76
CA LEU C 232 24.17 -12.56 52.94
C LEU C 232 22.77 -12.14 53.47
N THR C 233 21.84 -13.11 53.54
CA THR C 233 20.46 -12.88 54.04
C THR C 233 20.23 -13.54 55.41
N TYR C 234 19.39 -12.95 56.27
CA TYR C 234 19.19 -13.54 57.59
C TYR C 234 18.74 -14.99 57.53
N ASP C 235 17.95 -15.28 56.50
CA ASP C 235 17.46 -16.63 56.31
C ASP C 235 18.60 -17.45 55.71
N GLU C 236 19.55 -16.78 55.07
CA GLU C 236 20.72 -17.46 54.50
C GLU C 236 21.66 -17.79 55.65
N VAL C 237 21.85 -16.81 56.53
CA VAL C 237 22.70 -17.02 57.70
C VAL C 237 21.99 -18.20 58.40
N LYS C 238 20.68 -18.05 58.67
CA LYS C 238 19.89 -19.11 59.34
C LYS C 238 20.11 -20.52 58.73
N ALA C 239 20.17 -20.56 57.41
CA ALA C 239 20.34 -21.79 56.64
C ALA C 239 21.66 -22.48 56.82
N ARG C 240 22.71 -21.68 56.97
CA ARG C 240 24.04 -22.23 57.12
C ARG C 240 24.38 -22.72 58.52
N LEU C 241 23.88 -22.04 59.55
CA LEU C 241 24.17 -22.44 60.93
C LEU C 241 23.41 -23.70 61.32
N GLN C 242 22.27 -23.94 60.67
CA GLN C 242 21.48 -25.13 60.97
C GLN C 242 22.40 -26.36 61.00
N LYS C 243 23.45 -26.33 60.17
CA LYS C 243 24.43 -27.44 60.07
C LYS C 243 25.30 -27.58 61.31
N TYR C 244 24.99 -26.81 62.35
CA TYR C 244 25.70 -26.80 63.63
C TYR C 244 24.72 -26.43 64.76
N SER C 245 23.43 -26.73 64.57
CA SER C 245 22.38 -26.43 65.54
C SER C 245 22.64 -27.22 66.81
N THR C 246 23.29 -28.37 66.61
CA THR C 246 23.66 -29.24 67.69
C THR C 246 24.99 -28.75 68.25
N LYS C 247 25.58 -27.75 67.61
CA LYS C 247 26.87 -27.22 68.05
C LYS C 247 26.86 -25.79 68.57
N PRO C 248 26.23 -25.55 69.73
CA PRO C 248 26.25 -24.16 70.21
C PRO C 248 27.67 -23.58 70.20
N GLY C 249 27.81 -22.33 69.78
CA GLY C 249 29.11 -21.70 69.74
C GLY C 249 29.48 -21.29 68.32
N SER C 250 29.26 -22.22 67.40
CA SER C 250 29.52 -21.92 66.01
C SER C 250 28.93 -20.56 65.83
N TYR C 251 29.65 -19.71 65.11
CA TYR C 251 29.19 -18.36 64.83
C TYR C 251 29.81 -17.92 63.52
N ILE C 252 29.24 -16.88 62.92
CA ILE C 252 29.74 -16.31 61.66
C ILE C 252 29.25 -14.87 61.47
N PHE C 253 30.00 -14.07 60.73
CA PHE C 253 29.61 -12.69 60.46
C PHE C 253 29.46 -12.43 58.97
N ARG C 254 28.60 -11.50 58.57
CA ARG C 254 28.41 -11.16 57.16
C ARG C 254 28.14 -9.68 56.98
N LEU C 255 27.66 -9.33 55.79
CA LEU C 255 27.34 -7.95 55.46
C LEU C 255 25.93 -7.85 54.95
N SER C 256 25.27 -6.75 55.28
CA SER C 256 23.91 -6.54 54.83
C SER C 256 24.01 -5.55 53.68
N CYS C 257 23.49 -5.96 52.52
CA CYS C 257 23.44 -5.14 51.31
C CYS C 257 22.30 -4.17 51.58
N THR C 258 21.34 -4.70 52.33
CA THR C 258 20.14 -4.00 52.74
C THR C 258 20.47 -3.04 53.90
N ARG C 259 21.67 -3.20 54.43
CA ARG C 259 22.20 -2.39 55.51
C ARG C 259 23.71 -2.53 55.51
N LEU C 260 24.33 -1.74 54.65
CA LEU C 260 25.77 -1.74 54.50
C LEU C 260 26.40 -1.00 55.68
N GLY C 261 27.71 -1.12 55.79
CA GLY C 261 28.45 -0.47 56.85
C GLY C 261 28.19 -1.22 58.14
N GLN C 262 27.33 -2.22 58.05
CA GLN C 262 26.96 -2.98 59.24
C GLN C 262 27.05 -4.51 59.13
N TRP C 263 27.64 -5.09 60.19
CA TRP C 263 27.85 -6.52 60.36
C TRP C 263 26.69 -7.21 61.01
N ALA C 264 26.58 -8.52 60.78
CA ALA C 264 25.49 -9.29 61.34
C ALA C 264 26.01 -10.58 61.91
N ILE C 265 26.07 -10.68 63.24
CA ILE C 265 26.56 -11.90 63.87
C ILE C 265 25.45 -12.83 64.32
N GLY C 266 25.59 -14.10 63.95
CA GLY C 266 24.62 -15.09 64.34
C GLY C 266 25.39 -16.14 65.11
N TYR C 267 24.70 -17.14 65.64
CA TYR C 267 25.38 -18.18 66.38
C TYR C 267 24.37 -19.18 66.84
N VAL C 268 24.84 -20.25 67.46
CA VAL C 268 23.97 -21.27 68.01
C VAL C 268 24.06 -21.06 69.52
N THR C 269 22.94 -21.19 70.23
CA THR C 269 22.92 -21.00 71.69
C THR C 269 23.00 -22.28 72.52
N GLY C 270 23.09 -22.08 73.85
CA GLY C 270 23.14 -23.19 74.78
C GLY C 270 21.90 -24.06 74.68
N ASP C 271 20.87 -23.55 74.01
CA ASP C 271 19.61 -24.27 73.82
C ASP C 271 19.44 -24.86 72.41
N GLY C 272 20.51 -24.86 71.61
CA GLY C 272 20.42 -25.38 70.25
C GLY C 272 20.01 -24.30 69.25
N ASN C 273 19.42 -23.22 69.79
CA ASN C 273 18.90 -22.06 69.04
C ASN C 273 19.91 -21.19 68.24
N ILE C 274 19.40 -20.56 67.17
CA ILE C 274 20.18 -19.67 66.30
C ILE C 274 19.73 -18.23 66.54
N LEU C 275 20.65 -17.41 67.01
CA LEU C 275 20.33 -16.04 67.27
C LEU C 275 21.16 -15.12 66.40
N GLN C 276 20.99 -13.84 66.63
CA GLN C 276 21.69 -12.90 65.85
C GLN C 276 21.70 -11.61 66.60
N THR C 277 22.86 -10.98 66.56
CA THR C 277 23.11 -9.68 67.15
C THR C 277 23.70 -9.00 66.01
N ILE C 278 23.59 -7.70 66.07
CA ILE C 278 24.16 -6.85 65.01
C ILE C 278 24.66 -5.68 65.89
N PRO C 279 25.98 -5.42 65.90
CA PRO C 279 26.59 -4.34 66.71
C PRO C 279 26.56 -2.97 66.03
N LYS C 282 30.67 -1.24 70.21
CA LYS C 282 31.92 -1.99 70.09
C LYS C 282 32.14 -2.48 68.66
N PRO C 283 33.26 -2.05 68.01
CA PRO C 283 33.55 -2.47 66.63
C PRO C 283 33.48 -3.99 66.53
N LEU C 284 33.56 -4.54 65.31
CA LEU C 284 33.49 -6.00 65.15
C LEU C 284 34.57 -6.59 66.02
N PHE C 285 35.72 -5.95 65.99
CA PHE C 285 36.88 -6.37 66.75
C PHE C 285 36.54 -6.75 68.18
N GLN C 286 36.03 -5.76 68.90
CA GLN C 286 35.64 -5.93 70.29
C GLN C 286 34.47 -6.89 70.42
N ALA C 287 33.44 -6.68 69.60
CA ALA C 287 32.24 -7.52 69.63
C ALA C 287 32.60 -9.00 69.65
N LEU C 288 33.47 -9.40 68.72
CA LEU C 288 33.91 -10.77 68.65
C LEU C 288 34.71 -11.13 69.89
N ILE C 289 35.63 -10.24 70.30
CA ILE C 289 36.43 -10.50 71.50
C ILE C 289 35.46 -10.69 72.67
N ASP C 290 34.43 -9.82 72.82
CA ASP C 290 33.47 -10.03 73.92
C ASP C 290 32.75 -11.34 73.75
N GLY C 291 32.46 -11.71 72.50
CA GLY C 291 31.75 -12.96 72.23
C GLY C 291 32.47 -14.26 72.59
N SER C 292 33.78 -14.37 72.32
CA SER C 292 34.52 -15.58 72.67
C SER C 292 34.83 -15.70 74.19
N ARG C 293 35.22 -14.59 74.85
CA ARG C 293 35.51 -14.63 76.29
C ARG C 293 34.20 -14.79 77.06
N GLU C 294 33.15 -14.13 76.57
CA GLU C 294 31.82 -14.21 77.17
C GLU C 294 31.23 -15.58 76.87
N GLY C 295 31.92 -16.34 76.02
CA GLY C 295 31.51 -17.70 75.67
C GLY C 295 30.45 -17.96 74.62
N PHE C 296 30.29 -17.07 73.63
CA PHE C 296 29.29 -17.27 72.59
C PHE C 296 29.91 -17.59 71.22
N TYR C 297 30.96 -16.85 70.86
CA TYR C 297 31.60 -17.09 69.57
C TYR C 297 32.84 -17.92 69.80
N LEU C 298 32.71 -19.19 69.47
CA LEU C 298 33.77 -20.14 69.68
C LEU C 298 34.39 -20.77 68.41
N TYR C 299 33.58 -21.41 67.57
CA TYR C 299 34.07 -22.04 66.34
C TYR C 299 33.48 -21.37 65.10
N PRO C 300 34.23 -20.45 64.49
CA PRO C 300 33.78 -19.75 63.30
C PRO C 300 33.44 -20.75 62.20
N ASP C 301 32.16 -20.83 61.85
CA ASP C 301 31.64 -21.75 60.82
C ASP C 301 31.70 -23.22 61.21
N GLY C 302 31.85 -23.49 62.50
CA GLY C 302 31.93 -24.86 62.96
C GLY C 302 33.36 -25.38 62.85
N ARG C 303 34.32 -24.45 62.88
CA ARG C 303 35.73 -24.78 62.78
C ARG C 303 36.44 -24.80 64.11
N SER C 304 37.21 -25.88 64.31
CA SER C 304 37.98 -26.11 65.52
C SER C 304 38.60 -24.84 66.08
N TYR C 305 39.49 -24.23 65.30
CA TYR C 305 40.18 -23.01 65.73
C TYR C 305 39.54 -21.67 65.34
N ASN C 306 39.62 -20.73 66.27
CA ASN C 306 39.04 -19.40 66.14
C ASN C 306 40.05 -18.37 66.64
N GLU C 326 49.55 -15.93 48.60
CA GLU C 326 48.53 -16.75 47.94
C GLU C 326 47.18 -16.50 48.60
N GLN C 327 47.19 -16.17 49.89
CA GLN C 327 45.97 -15.93 50.66
C GLN C 327 45.17 -14.79 50.03
N TYR C 328 45.88 -13.82 49.49
CA TYR C 328 45.24 -12.67 48.87
C TYR C 328 44.44 -12.95 47.62
N GLU C 329 44.85 -13.96 46.84
CA GLU C 329 44.15 -14.32 45.59
C GLU C 329 42.92 -15.14 45.94
N LEU C 330 43.05 -16.00 46.95
CA LEU C 330 41.93 -16.82 47.35
C LEU C 330 40.82 -15.90 47.83
N TYR C 331 41.22 -14.74 48.40
CA TYR C 331 40.28 -13.73 48.90
C TYR C 331 39.53 -13.14 47.71
N CYS C 332 40.28 -12.79 46.67
CA CYS C 332 39.71 -12.23 45.44
C CYS C 332 38.90 -13.32 44.76
N GLU C 333 39.27 -14.57 45.04
CA GLU C 333 38.61 -15.75 44.52
C GLU C 333 37.21 -15.85 45.10
#